data_7QPA
#
_entry.id   7QPA
#
_cell.length_a   1.00
_cell.length_b   1.00
_cell.length_c   1.00
_cell.angle_alpha   90.00
_cell.angle_beta   90.00
_cell.angle_gamma   90.00
#
_symmetry.space_group_name_H-M   'P 1'
#
loop_
_entity.id
_entity.type
_entity.pdbx_description
1 polymer 'Auxin efflux carrier component 8'
2 non-polymer '1H-INDOL-3-YLACETIC ACID'
3 non-polymer 1,2-DILINOLEOYL-SN-GLYCERO-3-PHOSPHOCHOLINE
4 water water
#
_entity_poly.entity_id   1
_entity_poly.type   'polypeptide(L)'
_entity_poly.pdbx_seq_one_letter_code
;MGISWLDIYHVVSATVPLYVSMTLGFLSARHLKLFSPEQCAGINKFVAKFSIPLLSFQIISENNPFKMSPKLILSDILQK
FLVVVVLAMVLRFWHPTGGRGGKLGWVITGLSISVLPNTLILGMPILSAIYGDEAASILEQIVVLQSLIWYTILLFLFEL
NAARALPSSGASLEHTGNDQEEANIEDEPKEEEDEEEVAIVRTRSVGTMKILLKAWRKLIINPNTYATLIGIIWATLHFR
LGWNLPEMIDKSIHLLSDGGLGMAMFSLGLFMASQSSIIACGTKMAIITMLLKFVLGPALMIASAYCIRLKSTLFKVAIL
QAALPQGVVPFVFAKEYNLHPEIISTGVIFGMLIALPTTLAYYFLLDLPGENLYFQ
;
_entity_poly.pdbx_strand_id   A,B
#
# COMPACT_ATOMS: atom_id res chain seq x y z
N MET A 1 -2.57 -13.80 36.03
CA MET A 1 -3.69 -14.63 35.49
C MET A 1 -3.61 -14.70 33.97
N GLY A 2 -4.46 -15.53 33.37
CA GLY A 2 -4.44 -15.69 31.93
C GLY A 2 -4.80 -14.41 31.20
N ILE A 3 -5.78 -13.67 31.71
CA ILE A 3 -6.29 -12.46 31.08
C ILE A 3 -5.97 -11.27 31.96
N SER A 4 -5.54 -10.17 31.34
CA SER A 4 -5.20 -8.95 32.05
C SER A 4 -5.54 -7.75 31.18
N TRP A 5 -5.64 -6.58 31.80
CA TRP A 5 -5.91 -5.36 31.06
C TRP A 5 -4.81 -5.05 30.06
N LEU A 6 -3.58 -5.51 30.32
CA LEU A 6 -2.51 -5.38 29.34
C LEU A 6 -2.85 -6.13 28.06
N ASP A 7 -3.38 -7.36 28.20
CA ASP A 7 -3.81 -8.11 27.02
C ASP A 7 -4.93 -7.37 26.29
N ILE A 8 -5.87 -6.79 27.04
CA ILE A 8 -6.94 -6.03 26.41
C ILE A 8 -6.37 -4.87 25.62
N TYR A 9 -5.36 -4.20 26.18
CA TYR A 9 -4.76 -3.07 25.46
C TYR A 9 -4.06 -3.53 24.20
N HIS A 10 -3.33 -4.65 24.25
CA HIS A 10 -2.70 -5.15 23.02
C HIS A 10 -3.74 -5.49 21.96
N VAL A 11 -4.83 -6.15 22.37
CA VAL A 11 -5.87 -6.50 21.40
C VAL A 11 -6.48 -5.24 20.79
N VAL A 12 -6.77 -4.23 21.63
CA VAL A 12 -7.40 -3.01 21.13
C VAL A 12 -6.44 -2.26 20.21
N SER A 13 -5.15 -2.25 20.54
CA SER A 13 -4.18 -1.55 19.71
C SER A 13 -3.89 -2.30 18.42
N ALA A 14 -4.15 -3.61 18.38
CA ALA A 14 -4.09 -4.33 17.13
C ALA A 14 -5.31 -4.07 16.27
N THR A 15 -6.48 -3.91 16.89
CA THR A 15 -7.71 -3.70 16.13
C THR A 15 -7.81 -2.27 15.60
N VAL A 16 -7.43 -1.28 16.42
CA VAL A 16 -7.69 0.11 16.05
C VAL A 16 -7.03 0.49 14.73
N PRO A 17 -5.81 0.06 14.41
CA PRO A 17 -5.24 0.41 13.10
C PRO A 17 -6.14 0.04 11.93
N LEU A 18 -6.87 -1.07 12.03
CA LEU A 18 -7.79 -1.44 10.96
C LEU A 18 -8.97 -0.48 10.89
N TYR A 19 -9.52 -0.11 12.03
CA TYR A 19 -10.66 0.80 12.02
C TYR A 19 -10.27 2.19 11.57
N VAL A 20 -9.02 2.60 11.79
CA VAL A 20 -8.58 3.89 11.29
C VAL A 20 -8.62 3.91 9.76
N SER A 21 -8.09 2.86 9.13
CA SER A 21 -8.13 2.77 7.67
C SER A 21 -9.57 2.68 7.18
N MET A 22 -10.38 1.87 7.85
CA MET A 22 -11.78 1.75 7.46
C MET A 22 -12.48 3.11 7.51
N THR A 23 -12.30 3.86 8.59
CA THR A 23 -12.98 5.13 8.74
C THR A 23 -12.45 6.15 7.74
N LEU A 24 -11.15 6.13 7.48
CA LEU A 24 -10.61 7.03 6.47
C LEU A 24 -11.21 6.74 5.10
N GLY A 25 -11.31 5.47 4.72
CA GLY A 25 -11.92 5.12 3.45
C GLY A 25 -13.38 5.53 3.38
N PHE A 26 -14.12 5.24 4.44
CA PHE A 26 -15.53 5.59 4.48
C PHE A 26 -15.73 7.10 4.36
N LEU A 27 -14.97 7.87 5.12
CA LEU A 27 -15.10 9.33 5.03
C LEU A 27 -14.71 9.82 3.64
N SER A 28 -13.62 9.31 3.09
CA SER A 28 -13.17 9.78 1.78
C SER A 28 -14.19 9.45 0.69
N ALA A 29 -14.95 8.37 0.85
CA ALA A 29 -15.96 8.04 -0.13
C ALA A 29 -17.28 8.77 0.08
N ARG A 30 -17.65 9.06 1.32
CA ARG A 30 -18.95 9.65 1.62
C ARG A 30 -18.85 11.14 1.97
N HIS A 31 -18.06 11.49 2.98
CA HIS A 31 -18.05 12.86 3.45
C HIS A 31 -17.17 13.76 2.59
N LEU A 32 -15.94 13.34 2.32
CA LEU A 32 -15.03 14.13 1.51
C LEU A 32 -15.30 14.02 0.02
N LYS A 33 -16.11 13.05 -0.40
CA LYS A 33 -16.51 12.91 -1.80
C LYS A 33 -15.30 12.88 -2.72
N LEU A 34 -14.31 12.06 -2.37
CA LEU A 34 -13.08 11.97 -3.14
C LEU A 34 -13.18 10.96 -4.28
N PHE A 35 -13.62 9.74 -3.99
CA PHE A 35 -13.61 8.65 -4.96
C PHE A 35 -15.02 8.39 -5.45
N SER A 36 -15.21 8.45 -6.76
CA SER A 36 -16.47 8.07 -7.36
C SER A 36 -16.62 6.55 -7.32
N PRO A 37 -17.84 6.03 -7.49
CA PRO A 37 -18.03 4.58 -7.40
C PRO A 37 -17.10 3.78 -8.30
N GLU A 38 -16.84 4.28 -9.51
CA GLU A 38 -15.90 3.58 -10.39
C GLU A 38 -14.50 3.58 -9.81
N GLN A 39 -14.08 4.70 -9.21
CA GLN A 39 -12.73 4.76 -8.64
C GLN A 39 -12.63 3.86 -7.41
N CYS A 40 -13.69 3.78 -6.60
CA CYS A 40 -13.68 2.84 -5.49
C CYS A 40 -13.60 1.40 -5.98
N ALA A 41 -14.32 1.09 -7.05
CA ALA A 41 -14.23 -0.24 -7.63
C ALA A 41 -12.83 -0.51 -8.15
N GLY A 42 -12.17 0.51 -8.70
CA GLY A 42 -10.81 0.35 -9.16
C GLY A 42 -9.83 0.09 -8.04
N ILE A 43 -9.99 0.81 -6.92
CA ILE A 43 -9.14 0.56 -5.76
C ILE A 43 -9.34 -0.86 -5.25
N ASN A 44 -10.60 -1.30 -5.17
CA ASN A 44 -10.84 -2.67 -4.72
C ASN A 44 -10.29 -3.69 -5.70
N LYS A 45 -10.36 -3.39 -7.00
CA LYS A 45 -9.78 -4.28 -8.01
C LYS A 45 -8.28 -4.38 -7.81
N PHE A 46 -7.60 -3.26 -7.56
CA PHE A 46 -6.18 -3.31 -7.27
C PHE A 46 -5.90 -4.14 -6.04
N VAL A 47 -6.70 -3.97 -4.99
CA VAL A 47 -6.48 -4.72 -3.77
C VAL A 47 -6.62 -6.21 -4.03
N ALA A 48 -7.64 -6.61 -4.80
CA ALA A 48 -7.90 -8.02 -5.02
C ALA A 48 -6.90 -8.65 -5.97
N LYS A 49 -6.35 -7.87 -6.91
CA LYS A 49 -5.50 -8.42 -7.96
C LYS A 49 -4.01 -8.30 -7.65
N PHE A 50 -3.59 -7.34 -6.83
CA PHE A 50 -2.18 -7.08 -6.59
C PHE A 50 -1.77 -7.13 -5.13
N SER A 51 -2.70 -6.99 -4.18
CA SER A 51 -2.36 -6.94 -2.77
C SER A 51 -2.66 -8.24 -2.03
N ILE A 52 -3.72 -8.95 -2.40
CA ILE A 52 -4.05 -10.21 -1.74
C ILE A 52 -3.19 -11.33 -2.31
N PRO A 53 -3.08 -11.46 -3.63
CA PRO A 53 -2.14 -12.47 -4.17
C PRO A 53 -0.72 -12.31 -3.65
N LEU A 54 -0.20 -11.08 -3.64
CA LEU A 54 1.16 -10.85 -3.18
C LEU A 54 1.30 -11.02 -1.68
N LEU A 55 0.19 -11.17 -0.95
CA LEU A 55 0.24 -11.51 0.46
C LEU A 55 -0.12 -12.97 0.73
N SER A 56 -0.95 -13.58 -0.11
CA SER A 56 -1.11 -15.02 -0.05
C SER A 56 0.21 -15.71 -0.33
N PHE A 57 0.98 -15.20 -1.29
CA PHE A 57 2.31 -15.77 -1.54
C PHE A 57 3.21 -15.63 -0.32
N GLN A 58 3.18 -14.47 0.33
CA GLN A 58 4.04 -14.28 1.50
C GLN A 58 3.64 -15.20 2.64
N ILE A 59 2.34 -15.38 2.86
CA ILE A 59 1.89 -16.28 3.91
C ILE A 59 2.31 -17.71 3.60
N ILE A 60 2.03 -18.18 2.40
CA ILE A 60 2.24 -19.59 2.09
C ILE A 60 3.73 -19.91 2.01
N SER A 61 4.52 -19.00 1.44
CA SER A 61 5.94 -19.29 1.26
C SER A 61 6.68 -19.34 2.60
N GLU A 62 6.21 -18.62 3.61
CA GLU A 62 6.88 -18.55 4.90
C GLU A 62 6.37 -19.59 5.89
N ASN A 63 5.82 -20.70 5.41
CA ASN A 63 5.46 -21.82 6.25
C ASN A 63 6.06 -23.09 5.67
N ASN A 64 6.52 -23.97 6.56
CA ASN A 64 7.06 -25.24 6.13
C ASN A 64 5.91 -26.18 5.81
N PRO A 65 5.74 -26.61 4.55
CA PRO A 65 4.64 -27.54 4.25
C PRO A 65 4.78 -28.88 4.94
N PHE A 66 5.98 -29.25 5.36
CA PHE A 66 6.23 -30.56 5.94
C PHE A 66 5.95 -30.63 7.43
N LYS A 67 6.03 -29.50 8.14
CA LYS A 67 5.79 -29.47 9.57
C LYS A 67 4.34 -29.14 9.94
N MET A 68 3.47 -28.94 8.94
CA MET A 68 2.07 -28.70 9.24
C MET A 68 1.47 -29.92 9.93
N SER A 69 0.74 -29.68 11.01
CA SER A 69 0.21 -30.78 11.81
C SER A 69 -0.98 -31.43 11.09
N PRO A 70 -0.94 -32.74 10.80
CA PRO A 70 -2.09 -33.36 10.13
C PRO A 70 -3.38 -33.25 10.92
N LYS A 71 -3.31 -33.29 12.26
CA LYS A 71 -4.53 -33.22 13.05
C LYS A 71 -5.25 -31.90 12.85
N LEU A 72 -4.50 -30.80 12.77
CA LEU A 72 -5.13 -29.49 12.57
C LEU A 72 -5.81 -29.42 11.21
N ILE A 73 -5.16 -29.94 10.17
CA ILE A 73 -5.78 -29.93 8.83
C ILE A 73 -7.03 -30.78 8.82
N LEU A 74 -6.97 -31.96 9.44
CA LEU A 74 -8.15 -32.82 9.49
C LEU A 74 -9.29 -32.14 10.25
N SER A 75 -8.97 -31.48 11.37
CA SER A 75 -10.00 -30.78 12.12
C SER A 75 -10.61 -29.65 11.32
N ASP A 76 -9.78 -28.89 10.60
CA ASP A 76 -10.31 -27.78 9.80
C ASP A 76 -11.20 -28.30 8.67
N ILE A 77 -10.78 -29.36 8.00
CA ILE A 77 -11.60 -29.92 6.93
C ILE A 77 -12.90 -30.46 7.48
N LEU A 78 -12.85 -31.09 8.65
CA LEU A 78 -14.07 -31.61 9.27
C LEU A 78 -15.02 -30.48 9.63
N GLN A 79 -14.49 -29.39 10.20
CA GLN A 79 -15.33 -28.21 10.41
C GLN A 79 -15.99 -27.76 9.13
N LYS A 80 -15.20 -27.61 8.06
CA LYS A 80 -15.76 -27.05 6.84
C LYS A 80 -16.84 -27.95 6.28
N PHE A 81 -16.62 -29.27 6.31
CA PHE A 81 -17.64 -30.19 5.81
C PHE A 81 -18.90 -30.15 6.67
N LEU A 82 -18.74 -30.10 7.99
CA LEU A 82 -19.91 -30.03 8.86
C LEU A 82 -20.70 -28.75 8.62
N VAL A 83 -20.01 -27.63 8.48
CA VAL A 83 -20.67 -26.35 8.25
C VAL A 83 -21.38 -26.36 6.91
N VAL A 84 -20.73 -26.90 5.88
CA VAL A 84 -21.38 -26.99 4.57
C VAL A 84 -22.63 -27.84 4.65
N VAL A 85 -22.56 -28.97 5.34
CA VAL A 85 -23.72 -29.84 5.45
C VAL A 85 -24.85 -29.13 6.18
N VAL A 86 -24.53 -28.45 7.28
CA VAL A 86 -25.56 -27.77 8.06
C VAL A 86 -26.19 -26.65 7.25
N LEU A 87 -25.37 -25.84 6.57
CA LEU A 87 -25.91 -24.75 5.77
C LEU A 87 -26.79 -25.28 4.64
N ALA A 88 -26.34 -26.33 3.96
CA ALA A 88 -27.14 -26.90 2.87
C ALA A 88 -28.46 -27.45 3.40
N MET A 89 -28.43 -28.12 4.55
CA MET A 89 -29.66 -28.64 5.13
C MET A 89 -30.61 -27.51 5.52
N VAL A 90 -30.07 -26.43 6.07
CA VAL A 90 -30.91 -25.32 6.52
C VAL A 90 -31.61 -24.66 5.33
N LEU A 91 -30.88 -24.42 4.24
CA LEU A 91 -31.47 -23.74 3.10
C LEU A 91 -32.64 -24.51 2.53
N ARG A 92 -32.53 -25.84 2.46
CA ARG A 92 -33.63 -26.64 1.94
C ARG A 92 -34.92 -26.35 2.72
N PHE A 93 -34.83 -26.23 4.04
CA PHE A 93 -36.02 -26.01 4.86
C PHE A 93 -36.51 -24.57 4.73
N TRP A 94 -35.61 -23.60 4.77
CA TRP A 94 -36.00 -22.19 4.61
C TRP A 94 -34.87 -21.43 3.94
N HIS A 95 -35.15 -20.86 2.77
CA HIS A 95 -34.20 -19.99 2.09
C HIS A 95 -34.31 -18.57 2.67
N PRO A 96 -33.20 -17.81 2.68
CA PRO A 96 -33.30 -16.40 3.10
C PRO A 96 -34.02 -15.54 2.07
N THR A 97 -34.11 -14.23 2.35
CA THR A 97 -34.79 -13.29 1.46
C THR A 97 -36.21 -13.77 1.13
N GLY A 98 -36.95 -14.14 2.18
CA GLY A 98 -38.34 -14.51 2.02
C GLY A 98 -38.57 -15.80 1.26
N GLY A 99 -37.74 -16.82 1.48
CA GLY A 99 -38.00 -18.13 0.91
C GLY A 99 -38.00 -18.16 -0.61
N ARG A 100 -37.05 -17.48 -1.24
CA ARG A 100 -36.91 -17.52 -2.69
C ARG A 100 -35.95 -18.66 -3.06
N GLY A 101 -35.53 -18.69 -4.32
CA GLY A 101 -34.65 -19.74 -4.81
C GLY A 101 -33.19 -19.32 -4.87
N GLY A 102 -32.32 -20.33 -4.97
CA GLY A 102 -30.90 -20.11 -5.11
C GLY A 102 -30.08 -20.57 -3.91
N LYS A 103 -29.45 -21.74 -4.03
CA LYS A 103 -28.61 -22.26 -2.95
C LYS A 103 -27.25 -21.58 -2.96
N LEU A 104 -26.51 -21.70 -4.06
CA LEU A 104 -25.24 -21.00 -4.17
C LEU A 104 -25.49 -19.50 -4.18
N GLY A 105 -24.48 -18.75 -3.74
CA GLY A 105 -24.62 -17.36 -3.40
C GLY A 105 -24.93 -17.16 -1.93
N TRP A 106 -25.73 -18.06 -1.35
CA TRP A 106 -25.91 -18.13 0.09
C TRP A 106 -25.05 -19.20 0.74
N VAL A 107 -24.84 -20.34 0.07
CA VAL A 107 -23.92 -21.35 0.57
C VAL A 107 -22.49 -20.86 0.39
N ILE A 108 -22.31 -19.75 -0.31
CA ILE A 108 -21.00 -19.11 -0.40
C ILE A 108 -20.86 -17.97 0.60
N THR A 109 -21.90 -17.15 0.76
CA THR A 109 -21.86 -16.08 1.75
C THR A 109 -22.03 -16.59 3.17
N GLY A 110 -22.39 -17.86 3.35
CA GLY A 110 -22.41 -18.46 4.66
C GLY A 110 -21.09 -19.10 5.00
N LEU A 111 -20.41 -19.63 3.99
CA LEU A 111 -19.07 -20.15 4.22
C LEU A 111 -18.03 -19.04 4.32
N SER A 112 -18.28 -17.90 3.68
CA SER A 112 -17.37 -16.78 3.82
C SER A 112 -17.34 -16.26 5.25
N ILE A 113 -18.44 -16.44 5.97
CA ILE A 113 -18.55 -15.93 7.34
C ILE A 113 -18.23 -17.04 8.34
N SER A 114 -18.96 -18.16 8.27
CA SER A 114 -18.87 -19.17 9.30
C SER A 114 -17.49 -19.77 9.40
N VAL A 115 -16.85 -20.02 8.25
CA VAL A 115 -15.67 -20.87 8.22
C VAL A 115 -14.44 -20.14 7.68
N LEU A 116 -14.35 -18.84 7.93
CA LEU A 116 -13.18 -18.04 7.54
C LEU A 116 -12.96 -16.95 8.56
N PRO A 117 -12.38 -17.28 9.71
CA PRO A 117 -12.11 -16.26 10.73
C PRO A 117 -10.96 -15.35 10.31
N ASN A 118 -10.75 -14.31 11.13
CA ASN A 118 -9.58 -13.45 11.01
C ASN A 118 -8.56 -13.89 12.05
N THR A 119 -7.41 -14.38 11.59
CA THR A 119 -6.39 -14.93 12.46
C THR A 119 -5.07 -14.19 12.37
N LEU A 120 -4.69 -13.69 11.19
CA LEU A 120 -3.35 -13.14 11.01
C LEU A 120 -3.13 -11.92 11.89
N ILE A 121 -4.11 -11.02 11.94
CA ILE A 121 -3.94 -9.70 12.56
C ILE A 121 -4.50 -9.68 13.97
N LEU A 122 -5.74 -10.14 14.14
CA LEU A 122 -6.40 -10.13 15.44
C LEU A 122 -6.27 -11.44 16.19
N GLY A 123 -6.21 -12.58 15.49
CA GLY A 123 -6.07 -13.85 16.17
C GLY A 123 -4.77 -13.95 16.95
N MET A 124 -3.68 -13.42 16.38
CA MET A 124 -2.39 -13.50 17.06
C MET A 124 -2.41 -12.76 18.39
N PRO A 125 -2.58 -11.43 18.44
CA PRO A 125 -2.47 -10.75 19.73
C PRO A 125 -3.43 -11.27 20.77
N ILE A 126 -4.58 -11.81 20.36
CA ILE A 126 -5.55 -12.33 21.32
C ILE A 126 -5.11 -13.69 21.84
N LEU A 127 -5.02 -14.68 20.94
CA LEU A 127 -4.80 -16.06 21.37
C LEU A 127 -3.37 -16.32 21.81
N SER A 128 -2.38 -15.76 21.12
CA SER A 128 -1.01 -15.93 21.58
C SER A 128 -0.82 -15.33 22.97
N ALA A 129 -1.56 -14.26 23.28
CA ALA A 129 -1.49 -13.68 24.61
C ALA A 129 -2.20 -14.55 25.63
N ILE A 130 -3.38 -15.06 25.28
CA ILE A 130 -4.14 -15.87 26.23
C ILE A 130 -3.42 -17.17 26.54
N TYR A 131 -2.87 -17.83 25.52
CA TYR A 131 -2.29 -19.17 25.65
C TYR A 131 -0.79 -19.20 25.42
N GLY A 132 -0.14 -18.05 25.31
CA GLY A 132 1.29 -18.03 25.13
C GLY A 132 1.71 -18.24 23.68
N ASP A 133 2.99 -18.61 23.51
CA ASP A 133 3.57 -18.70 22.17
C ASP A 133 3.06 -19.92 21.41
N GLU A 134 2.63 -20.97 22.11
CA GLU A 134 2.17 -22.16 21.42
C GLU A 134 0.97 -21.85 20.53
N ALA A 135 0.05 -21.01 21.02
CA ALA A 135 -1.12 -20.67 20.23
C ALA A 135 -0.72 -19.98 18.94
N ALA A 136 0.30 -19.11 18.99
CA ALA A 136 0.75 -18.45 17.78
C ALA A 136 1.19 -19.47 16.72
N SER A 137 2.03 -20.42 17.13
CA SER A 137 2.52 -21.42 16.18
C SER A 137 1.38 -22.29 15.65
N ILE A 138 0.45 -22.69 16.51
CA ILE A 138 -0.65 -23.53 16.07
C ILE A 138 -1.54 -22.78 15.08
N LEU A 139 -1.85 -21.51 15.38
CA LEU A 139 -2.69 -20.73 14.50
C LEU A 139 -1.98 -20.37 13.21
N GLU A 140 -0.64 -20.37 13.19
CA GLU A 140 0.06 -20.11 11.94
C GLU A 140 -0.30 -21.14 10.88
N GLN A 141 -0.39 -22.40 11.28
CA GLN A 141 -0.79 -23.43 10.32
C GLN A 141 -2.21 -23.20 9.83
N ILE A 142 -3.11 -22.77 10.71
CA ILE A 142 -4.49 -22.49 10.30
C ILE A 142 -4.50 -21.35 9.28
N VAL A 143 -3.72 -20.31 9.53
CA VAL A 143 -3.68 -19.17 8.61
C VAL A 143 -3.12 -19.60 7.27
N VAL A 144 -2.06 -20.40 7.28
CA VAL A 144 -1.46 -20.83 6.02
C VAL A 144 -2.41 -21.73 5.25
N LEU A 145 -3.10 -22.64 5.94
CA LEU A 145 -4.10 -23.46 5.26
C LEU A 145 -5.24 -22.61 4.72
N GLN A 146 -5.65 -21.59 5.47
CA GLN A 146 -6.67 -20.65 4.99
C GLN A 146 -6.25 -20.03 3.68
N SER A 147 -5.02 -19.51 3.62
CA SER A 147 -4.53 -18.89 2.40
C SER A 147 -4.22 -19.90 1.31
N LEU A 148 -4.05 -21.18 1.66
CA LEU A 148 -3.59 -22.17 0.71
C LEU A 148 -4.75 -22.84 -0.01
N ILE A 149 -5.71 -23.38 0.73
CA ILE A 149 -6.78 -24.18 0.16
C ILE A 149 -8.12 -23.45 0.19
N TRP A 150 -8.45 -22.81 1.30
CA TRP A 150 -9.82 -22.35 1.48
C TRP A 150 -10.13 -21.12 0.62
N TYR A 151 -9.20 -20.18 0.52
CA TYR A 151 -9.47 -19.03 -0.35
C TYR A 151 -9.56 -19.44 -1.81
N THR A 152 -8.72 -20.39 -2.24
CA THR A 152 -8.81 -20.87 -3.61
C THR A 152 -10.14 -21.57 -3.87
N ILE A 153 -10.58 -22.41 -2.93
CA ILE A 153 -11.88 -23.07 -3.09
C ILE A 153 -12.99 -22.04 -3.12
N LEU A 154 -12.88 -21.00 -2.28
CA LEU A 154 -13.90 -19.96 -2.25
C LEU A 154 -13.95 -19.20 -3.57
N LEU A 155 -12.79 -18.92 -4.16
CA LEU A 155 -12.76 -18.26 -5.47
C LEU A 155 -13.37 -19.16 -6.53
N PHE A 156 -13.09 -20.45 -6.49
CA PHE A 156 -13.72 -21.37 -7.43
C PHE A 156 -15.23 -21.36 -7.28
N LEU A 157 -15.73 -21.34 -6.03
CA LEU A 157 -17.16 -21.29 -5.82
C LEU A 157 -17.76 -19.99 -6.34
N PHE A 158 -17.07 -18.86 -6.10
CA PHE A 158 -17.53 -17.59 -6.63
C PHE A 158 -17.65 -17.62 -8.14
N GLU A 159 -16.63 -18.14 -8.82
CA GLU A 159 -16.65 -18.14 -10.28
C GLU A 159 -17.62 -19.17 -10.84
N LEU A 160 -17.82 -20.28 -10.14
CA LEU A 160 -18.88 -21.20 -10.52
C LEU A 160 -20.24 -20.54 -10.43
N ASN A 161 -20.49 -19.79 -9.36
CA ASN A 161 -21.75 -19.07 -9.24
C ASN A 161 -21.89 -18.04 -10.35
N ALA A 162 -20.80 -17.32 -10.66
CA ALA A 162 -20.86 -16.35 -11.75
C ALA A 162 -21.19 -17.03 -13.07
N ALA A 163 -20.59 -18.19 -13.34
CA ALA A 163 -20.87 -18.90 -14.58
C ALA A 163 -22.32 -19.37 -14.62
N ARG A 164 -22.84 -19.88 -13.50
CA ARG A 164 -24.20 -20.39 -13.47
C ARG A 164 -25.24 -19.31 -13.76
N ALA A 165 -24.86 -18.04 -13.64
CA ALA A 165 -25.79 -16.95 -13.91
C ALA A 165 -25.85 -16.63 -15.39
N GLY A 207 -25.48 -29.43 -20.42
CA GLY A 207 -24.83 -28.20 -20.01
C GLY A 207 -24.51 -28.18 -18.53
N THR A 208 -23.91 -29.25 -18.04
CA THR A 208 -23.54 -29.39 -16.63
C THR A 208 -22.04 -29.45 -16.41
N MET A 209 -21.31 -30.22 -17.22
CA MET A 209 -19.85 -30.24 -17.13
C MET A 209 -19.24 -29.00 -17.74
N LYS A 210 -19.92 -28.38 -18.71
CA LYS A 210 -19.41 -27.17 -19.33
C LYS A 210 -19.32 -26.03 -18.32
N ILE A 211 -20.31 -25.95 -17.42
CA ILE A 211 -20.26 -24.90 -16.39
C ILE A 211 -19.07 -25.10 -15.47
N LEU A 212 -18.81 -26.35 -15.06
CA LEU A 212 -17.65 -26.62 -14.21
C LEU A 212 -16.35 -26.30 -14.95
N LEU A 213 -16.27 -26.65 -16.23
CA LEU A 213 -15.07 -26.34 -17.00
C LEU A 213 -14.87 -24.84 -17.10
N LYS A 214 -15.96 -24.08 -17.30
CA LYS A 214 -15.86 -22.62 -17.35
C LYS A 214 -15.40 -22.07 -16.00
N ALA A 215 -15.90 -22.64 -14.91
CA ALA A 215 -15.44 -22.23 -13.58
C ALA A 215 -13.95 -22.48 -13.42
N TRP A 216 -13.48 -23.64 -13.87
CA TRP A 216 -12.05 -23.93 -13.79
C TRP A 216 -11.24 -22.96 -14.62
N ARG A 217 -11.68 -22.68 -15.85
CA ARG A 217 -10.94 -21.75 -16.70
C ARG A 217 -10.89 -20.36 -16.09
N LYS A 218 -11.99 -19.93 -15.47
CA LYS A 218 -11.97 -18.67 -14.76
C LYS A 218 -11.04 -18.72 -13.55
N LEU A 219 -10.88 -19.91 -12.95
CA LEU A 219 -10.00 -20.05 -11.81
C LEU A 219 -8.54 -19.90 -12.22
N ILE A 220 -8.13 -20.57 -13.31
CA ILE A 220 -6.71 -20.58 -13.64
C ILE A 220 -6.19 -19.18 -13.92
N ILE A 221 -6.96 -18.37 -14.64
CA ILE A 221 -6.50 -17.01 -14.95
C ILE A 221 -6.52 -16.10 -13.75
N ASN A 222 -7.07 -16.54 -12.62
CA ASN A 222 -7.04 -15.74 -11.41
C ASN A 222 -5.61 -15.57 -10.94
N PRO A 223 -5.29 -14.44 -10.30
CA PRO A 223 -3.94 -14.29 -9.72
C PRO A 223 -3.79 -14.94 -8.35
N ASN A 224 -4.90 -15.19 -7.64
CA ASN A 224 -4.80 -15.86 -6.35
C ASN A 224 -4.34 -17.30 -6.49
N THR A 225 -4.84 -18.01 -7.51
CA THR A 225 -4.41 -19.39 -7.69
C THR A 225 -2.92 -19.45 -8.01
N TYR A 226 -2.43 -18.55 -8.86
CA TYR A 226 -1.01 -18.52 -9.15
C TYR A 226 -0.20 -18.13 -7.93
N ALA A 227 -0.70 -17.17 -7.15
CA ALA A 227 0.01 -16.79 -5.93
C ALA A 227 0.14 -17.96 -4.98
N THR A 228 -0.94 -18.72 -4.77
CA THR A 228 -0.88 -19.86 -3.86
C THR A 228 -0.04 -21.00 -4.42
N LEU A 229 -0.10 -21.26 -5.73
CA LEU A 229 0.70 -22.34 -6.30
C LEU A 229 2.19 -22.01 -6.24
N ILE A 230 2.56 -20.79 -6.61
CA ILE A 230 3.96 -20.38 -6.49
C ILE A 230 4.37 -20.34 -5.03
N GLY A 231 3.45 -19.96 -4.14
CA GLY A 231 3.79 -19.94 -2.73
C GLY A 231 4.09 -21.32 -2.18
N ILE A 232 3.26 -22.30 -2.51
CA ILE A 232 3.50 -23.65 -2.02
C ILE A 232 4.76 -24.23 -2.65
N ILE A 233 4.96 -24.00 -3.95
CA ILE A 233 6.16 -24.52 -4.60
C ILE A 233 7.41 -23.89 -4.00
N TRP A 234 7.38 -22.59 -3.75
CA TRP A 234 8.54 -21.93 -3.16
C TRP A 234 8.74 -22.33 -1.72
N ALA A 235 7.67 -22.57 -0.96
CA ALA A 235 7.86 -23.08 0.39
C ALA A 235 8.53 -24.43 0.35
N THR A 236 8.11 -25.29 -0.57
CA THR A 236 8.78 -26.58 -0.74
C THR A 236 10.25 -26.39 -1.03
N LEU A 237 10.56 -25.55 -2.02
CA LEU A 237 11.96 -25.35 -2.40
C LEU A 237 12.77 -24.79 -1.23
N HIS A 238 12.24 -23.76 -0.57
CA HIS A 238 12.99 -23.09 0.49
C HIS A 238 13.24 -24.00 1.68
N PHE A 239 12.23 -24.78 2.09
CA PHE A 239 12.37 -25.60 3.28
C PHE A 239 12.92 -26.99 2.98
N ARG A 240 13.11 -27.36 1.72
CA ARG A 240 13.74 -28.62 1.37
C ARG A 240 15.17 -28.43 0.88
N LEU A 241 15.38 -27.59 -0.13
CA LEU A 241 16.71 -27.34 -0.69
C LEU A 241 17.35 -26.07 -0.15
N GLY A 242 16.69 -25.34 0.73
CA GLY A 242 17.30 -24.17 1.34
C GLY A 242 17.48 -23.00 0.41
N TRP A 243 16.69 -22.92 -0.66
CA TRP A 243 16.81 -21.83 -1.63
C TRP A 243 16.24 -20.56 -1.04
N ASN A 244 17.10 -19.71 -0.48
CA ASN A 244 16.63 -18.43 0.05
C ASN A 244 16.23 -17.51 -1.09
N LEU A 245 15.08 -16.86 -0.94
CA LEU A 245 14.60 -15.96 -1.97
C LEU A 245 15.55 -14.77 -2.10
N PRO A 246 15.90 -14.36 -3.33
CA PRO A 246 16.81 -13.22 -3.48
C PRO A 246 16.25 -11.96 -2.83
N GLU A 247 17.15 -11.15 -2.29
CA GLU A 247 16.74 -9.94 -1.59
C GLU A 247 16.02 -8.97 -2.54
N MET A 248 16.49 -8.89 -3.78
CA MET A 248 15.86 -8.00 -4.74
C MET A 248 14.40 -8.37 -4.96
N ILE A 249 14.13 -9.67 -5.17
CA ILE A 249 12.76 -10.12 -5.39
C ILE A 249 11.93 -9.94 -4.13
N ASP A 250 12.51 -10.19 -2.97
CA ASP A 250 11.77 -10.01 -1.72
C ASP A 250 11.34 -8.56 -1.55
N LYS A 251 12.25 -7.63 -1.81
CA LYS A 251 11.91 -6.21 -1.70
C LYS A 251 10.88 -5.81 -2.75
N SER A 252 11.00 -6.35 -3.97
CA SER A 252 10.03 -6.01 -5.01
C SER A 252 8.64 -6.49 -4.64
N ILE A 253 8.54 -7.69 -4.06
CA ILE A 253 7.25 -8.19 -3.59
C ILE A 253 6.73 -7.33 -2.45
N HIS A 254 7.61 -6.97 -1.51
CA HIS A 254 7.16 -6.22 -0.35
C HIS A 254 6.65 -4.84 -0.73
N LEU A 255 7.26 -4.20 -1.73
CA LEU A 255 6.81 -2.87 -2.13
C LEU A 255 5.31 -2.85 -2.37
N LEU A 256 4.79 -3.89 -3.02
CA LEU A 256 3.37 -3.93 -3.34
C LEU A 256 2.53 -4.61 -2.25
N SER A 257 3.09 -5.57 -1.53
CA SER A 257 2.31 -6.29 -0.54
C SER A 257 2.20 -5.58 0.79
N ASP A 258 3.05 -4.59 1.06
CA ASP A 258 3.11 -4.00 2.40
C ASP A 258 1.80 -3.28 2.74
N GLY A 259 1.28 -2.49 1.82
CA GLY A 259 0.07 -1.73 2.06
C GLY A 259 -1.20 -2.49 1.80
N GLY A 260 -1.11 -3.81 1.64
CA GLY A 260 -2.29 -4.58 1.29
C GLY A 260 -3.39 -4.50 2.32
N LEU A 261 -3.04 -4.64 3.60
CA LEU A 261 -4.07 -4.64 4.63
C LEU A 261 -4.71 -3.27 4.80
N GLY A 262 -3.89 -2.22 4.79
CA GLY A 262 -4.45 -0.88 4.86
C GLY A 262 -5.36 -0.57 3.70
N MET A 263 -4.96 -0.96 2.49
CA MET A 263 -5.82 -0.75 1.33
C MET A 263 -7.08 -1.60 1.40
N ALA A 264 -6.99 -2.81 1.92
CA ALA A 264 -8.17 -3.66 1.99
C ALA A 264 -9.19 -3.08 2.96
N MET A 265 -8.75 -2.64 4.13
CA MET A 265 -9.66 -2.00 5.07
C MET A 265 -10.18 -0.67 4.53
N PHE A 266 -9.36 0.08 3.80
CA PHE A 266 -9.80 1.28 3.11
C PHE A 266 -10.91 0.96 2.11
N SER A 267 -10.77 -0.14 1.36
CA SER A 267 -11.79 -0.56 0.43
C SER A 267 -13.08 -0.93 1.13
N LEU A 268 -12.97 -1.62 2.26
CA LEU A 268 -14.17 -1.92 3.04
C LEU A 268 -14.86 -0.65 3.49
N GLY A 269 -14.08 0.35 3.90
CA GLY A 269 -14.68 1.63 4.25
C GLY A 269 -15.35 2.30 3.06
N LEU A 270 -14.72 2.24 1.89
CA LEU A 270 -15.33 2.81 0.69
C LEU A 270 -16.67 2.17 0.41
N PHE A 271 -16.73 0.84 0.48
CA PHE A 271 -18.00 0.15 0.26
C PHE A 271 -19.02 0.56 1.30
N MET A 272 -18.62 0.62 2.57
CA MET A 272 -19.52 1.10 3.60
C MET A 272 -20.13 2.45 3.20
N ALA A 273 -19.28 3.34 2.69
CA ALA A 273 -19.78 4.63 2.21
C ALA A 273 -20.79 4.44 1.09
N SER A 274 -20.55 3.48 0.20
CA SER A 274 -21.49 3.21 -0.88
C SER A 274 -22.84 2.77 -0.32
N GLN A 275 -22.84 1.90 0.67
CA GLN A 275 -24.09 1.38 1.23
C GLN A 275 -24.80 2.46 2.04
N SER A 276 -26.13 2.39 2.03
CA SER A 276 -26.93 3.41 2.70
C SER A 276 -26.70 3.41 4.20
N SER A 277 -26.69 2.24 4.82
CA SER A 277 -26.60 2.12 6.27
C SER A 277 -25.50 1.12 6.64
N ILE A 278 -24.97 1.27 7.85
CA ILE A 278 -23.94 0.37 8.32
C ILE A 278 -24.45 -1.07 8.31
N ILE A 279 -25.65 -1.29 8.85
CA ILE A 279 -26.30 -2.60 8.78
C ILE A 279 -27.08 -2.61 7.47
N ALA A 280 -26.38 -2.91 6.38
CA ALA A 280 -26.96 -2.84 5.06
C ALA A 280 -27.79 -4.07 4.69
N CYS A 281 -27.68 -5.15 5.45
CA CYS A 281 -28.43 -6.37 5.18
C CYS A 281 -29.73 -6.44 5.97
N GLY A 282 -30.00 -5.47 6.82
CA GLY A 282 -31.15 -5.51 7.70
C GLY A 282 -30.83 -6.16 9.04
N THR A 283 -31.66 -5.86 10.03
CA THR A 283 -31.42 -6.40 11.37
C THR A 283 -31.54 -7.92 11.38
N LYS A 284 -32.65 -8.45 10.88
CA LYS A 284 -32.87 -9.89 10.95
C LYS A 284 -31.72 -10.65 10.30
N MET A 285 -31.39 -10.30 9.05
CA MET A 285 -30.28 -10.96 8.38
C MET A 285 -28.97 -10.70 9.12
N ALA A 286 -28.83 -9.52 9.72
CA ALA A 286 -27.63 -9.25 10.52
C ALA A 286 -27.58 -10.16 11.74
N ILE A 287 -28.70 -10.37 12.40
CA ILE A 287 -28.74 -11.28 13.55
C ILE A 287 -28.34 -12.67 13.12
N ILE A 288 -28.90 -13.15 12.00
CA ILE A 288 -28.60 -14.52 11.57
C ILE A 288 -27.14 -14.62 11.14
N THR A 289 -26.60 -13.61 10.47
CA THR A 289 -25.21 -13.64 10.05
C THR A 289 -24.27 -13.68 11.23
N MET A 290 -24.49 -12.80 12.21
CA MET A 290 -23.65 -12.80 13.40
C MET A 290 -23.80 -14.09 14.20
N LEU A 291 -25.01 -14.64 14.27
CA LEU A 291 -25.19 -15.92 14.93
C LEU A 291 -24.39 -17.01 14.23
N LEU A 292 -24.50 -17.10 12.91
CA LEU A 292 -23.73 -18.10 12.17
C LEU A 292 -22.24 -17.92 12.44
N LYS A 293 -21.76 -16.68 12.44
CA LYS A 293 -20.33 -16.47 12.60
C LYS A 293 -19.85 -16.83 13.99
N PHE A 294 -20.57 -16.40 15.02
CA PHE A 294 -20.05 -16.44 16.39
C PHE A 294 -20.65 -17.54 17.26
N VAL A 295 -21.54 -18.38 16.73
CA VAL A 295 -22.07 -19.49 17.50
C VAL A 295 -21.93 -20.79 16.71
N LEU A 296 -22.47 -20.80 15.50
CA LEU A 296 -22.48 -22.04 14.72
C LEU A 296 -21.07 -22.43 14.30
N GLY A 297 -20.29 -21.48 13.80
CA GLY A 297 -18.95 -21.76 13.34
C GLY A 297 -18.07 -22.32 14.43
N PRO A 298 -17.98 -21.59 15.55
CA PRO A 298 -17.19 -22.09 16.69
C PRO A 298 -17.79 -23.32 17.35
N ALA A 299 -19.11 -23.48 17.39
CA ALA A 299 -19.68 -24.71 17.92
C ALA A 299 -19.38 -25.91 17.04
N LEU A 300 -19.46 -25.73 15.72
CA LEU A 300 -19.10 -26.82 14.82
C LEU A 300 -17.60 -27.10 14.88
N MET A 301 -16.79 -26.07 15.11
CA MET A 301 -15.36 -26.31 15.34
C MET A 301 -15.11 -27.10 16.62
N ILE A 302 -15.90 -26.82 17.66
CA ILE A 302 -15.80 -27.61 18.88
C ILE A 302 -16.13 -29.07 18.58
N ALA A 303 -17.22 -29.29 17.83
CA ALA A 303 -17.59 -30.66 17.48
C ALA A 303 -16.48 -31.33 16.69
N SER A 304 -15.91 -30.62 15.71
CA SER A 304 -14.85 -31.20 14.88
C SER A 304 -13.60 -31.51 15.70
N ALA A 305 -13.20 -30.60 16.59
CA ALA A 305 -12.02 -30.84 17.41
C ALA A 305 -12.23 -32.02 18.34
N TYR A 306 -13.43 -32.13 18.93
CA TYR A 306 -13.71 -33.28 19.76
C TYR A 306 -13.68 -34.57 18.95
N CYS A 307 -14.25 -34.55 17.74
CA CYS A 307 -14.27 -35.74 16.91
C CYS A 307 -12.86 -36.20 16.53
N ILE A 308 -12.01 -35.26 16.13
CA ILE A 308 -10.63 -35.60 15.75
C ILE A 308 -9.76 -35.89 16.97
N ARG A 309 -10.28 -35.69 18.18
CA ARG A 309 -9.55 -35.98 19.41
C ARG A 309 -8.29 -35.11 19.52
N LEU A 310 -8.50 -33.81 19.38
CA LEU A 310 -7.44 -32.87 19.70
C LEU A 310 -7.23 -32.85 21.21
N LYS A 311 -5.97 -32.80 21.62
CA LYS A 311 -5.60 -32.94 23.03
C LYS A 311 -5.09 -31.61 23.58
N SER A 312 -5.61 -31.25 24.74
CA SER A 312 -5.10 -30.12 25.55
C SER A 312 -5.10 -28.87 24.68
N THR A 313 -3.98 -28.14 24.56
CA THR A 313 -4.01 -26.83 23.95
C THR A 313 -4.54 -26.88 22.52
N LEU A 314 -4.28 -27.98 21.81
CA LEU A 314 -4.74 -28.08 20.43
C LEU A 314 -6.27 -28.03 20.36
N PHE A 315 -6.95 -28.73 21.27
CA PHE A 315 -8.40 -28.69 21.30
C PHE A 315 -8.90 -27.29 21.63
N LYS A 316 -8.27 -26.64 22.61
CA LYS A 316 -8.75 -25.33 23.05
C LYS A 316 -8.40 -24.25 22.03
N VAL A 317 -7.18 -24.27 21.49
CA VAL A 317 -6.76 -23.20 20.60
C VAL A 317 -7.38 -23.33 19.22
N ALA A 318 -7.87 -24.51 18.86
CA ALA A 318 -8.47 -24.73 17.55
C ALA A 318 -9.91 -24.24 17.46
N ILE A 319 -10.57 -23.99 18.59
CA ILE A 319 -11.96 -23.59 18.60
C ILE A 319 -12.12 -22.10 18.89
N LEU A 320 -11.25 -21.54 19.74
CA LEU A 320 -11.25 -20.10 19.95
C LEU A 320 -10.84 -19.34 18.70
N GLN A 321 -10.17 -20.02 17.76
CA GLN A 321 -9.81 -19.36 16.51
C GLN A 321 -11.03 -19.18 15.62
N ALA A 322 -11.96 -20.14 15.66
CA ALA A 322 -13.16 -20.05 14.82
C ALA A 322 -14.01 -18.86 15.22
N ALA A 323 -14.13 -18.59 16.52
CA ALA A 323 -14.92 -17.46 17.02
C ALA A 323 -14.06 -16.21 16.96
N LEU A 324 -13.91 -15.67 15.77
CA LEU A 324 -13.07 -14.52 15.52
C LEU A 324 -13.71 -13.72 14.40
N PRO A 325 -13.24 -12.49 14.16
CA PRO A 325 -13.92 -11.63 13.19
C PRO A 325 -13.97 -12.26 11.81
N GLN A 326 -14.83 -11.68 10.97
CA GLN A 326 -15.09 -12.27 9.65
C GLN A 326 -13.87 -12.21 8.75
N GLY A 327 -13.11 -11.11 8.80
CA GLY A 327 -12.02 -10.88 7.87
C GLY A 327 -12.47 -10.09 6.67
N VAL A 328 -11.48 -9.60 5.92
CA VAL A 328 -11.75 -8.72 4.78
C VAL A 328 -11.27 -9.29 3.46
N VAL A 329 -10.59 -10.44 3.44
CA VAL A 329 -10.42 -11.17 2.18
C VAL A 329 -11.76 -11.67 1.64
N PRO A 330 -12.58 -12.37 2.43
CA PRO A 330 -13.93 -12.71 1.93
C PRO A 330 -14.70 -11.48 1.49
N PHE A 331 -14.58 -10.37 2.21
CA PHE A 331 -15.29 -9.17 1.78
C PHE A 331 -14.76 -8.69 0.44
N VAL A 332 -13.44 -8.71 0.24
CA VAL A 332 -12.90 -8.28 -1.03
C VAL A 332 -13.44 -9.14 -2.17
N PHE A 333 -13.46 -10.46 -1.96
CA PHE A 333 -13.97 -11.34 -3.00
C PHE A 333 -15.45 -11.08 -3.27
N ALA A 334 -16.24 -10.89 -2.21
CA ALA A 334 -17.67 -10.65 -2.41
C ALA A 334 -17.91 -9.32 -3.13
N LYS A 335 -17.20 -8.28 -2.73
CA LYS A 335 -17.36 -6.98 -3.39
C LYS A 335 -16.97 -7.05 -4.85
N GLU A 336 -15.86 -7.72 -5.16
CA GLU A 336 -15.45 -7.86 -6.56
C GLU A 336 -16.48 -8.67 -7.34
N TYR A 337 -17.00 -9.75 -6.75
CA TYR A 337 -17.97 -10.60 -7.41
C TYR A 337 -19.41 -10.15 -7.19
N ASN A 338 -19.63 -9.12 -6.38
CA ASN A 338 -20.97 -8.62 -6.09
C ASN A 338 -21.90 -9.77 -5.72
N LEU A 339 -21.56 -10.44 -4.63
CA LEU A 339 -22.33 -11.56 -4.10
C LEU A 339 -22.67 -11.26 -2.65
N HIS A 340 -23.74 -10.49 -2.46
CA HIS A 340 -24.22 -10.14 -1.13
C HIS A 340 -23.10 -9.67 -0.20
N PRO A 341 -22.31 -8.67 -0.60
CA PRO A 341 -21.27 -8.16 0.30
C PRO A 341 -21.81 -7.38 1.48
N GLU A 342 -23.07 -6.94 1.43
CA GLU A 342 -23.64 -6.22 2.56
C GLU A 342 -23.67 -7.05 3.82
N ILE A 343 -23.75 -8.38 3.67
CA ILE A 343 -23.69 -9.26 4.83
C ILE A 343 -22.28 -9.28 5.41
N ILE A 344 -21.27 -9.33 4.54
CA ILE A 344 -19.89 -9.40 5.00
C ILE A 344 -19.47 -8.10 5.67
N SER A 345 -19.93 -6.96 5.15
CA SER A 345 -19.53 -5.68 5.72
C SER A 345 -19.89 -5.59 7.19
N THR A 346 -21.19 -5.55 7.49
CA THR A 346 -21.62 -5.39 8.88
C THR A 346 -20.96 -6.42 9.78
N GLY A 347 -20.76 -7.63 9.28
CA GLY A 347 -20.05 -8.63 10.07
C GLY A 347 -18.65 -8.17 10.44
N VAL A 348 -17.90 -7.67 9.45
CA VAL A 348 -16.54 -7.22 9.73
C VAL A 348 -16.54 -6.06 10.71
N ILE A 349 -17.43 -5.09 10.50
CA ILE A 349 -17.42 -3.90 11.37
C ILE A 349 -17.81 -4.26 12.80
N PHE A 350 -18.83 -5.11 12.98
CA PHE A 350 -19.36 -5.39 14.31
C PHE A 350 -18.80 -6.69 14.92
N GLY A 351 -17.84 -7.33 14.28
CA GLY A 351 -17.26 -8.54 14.84
C GLY A 351 -15.90 -8.33 15.46
N MET A 352 -15.21 -7.28 15.07
CA MET A 352 -13.94 -6.94 15.70
C MET A 352 -14.14 -6.27 17.05
N LEU A 353 -15.39 -5.97 17.43
CA LEU A 353 -15.73 -5.56 18.78
C LEU A 353 -16.15 -6.73 19.67
N ILE A 354 -16.49 -7.87 19.08
CA ILE A 354 -16.98 -9.03 19.82
C ILE A 354 -16.01 -10.20 19.77
N ALA A 355 -14.93 -10.10 18.99
CA ALA A 355 -13.95 -11.17 18.97
C ALA A 355 -13.30 -11.34 20.34
N LEU A 356 -12.91 -10.24 20.98
CA LEU A 356 -12.29 -10.33 22.30
C LEU A 356 -13.24 -10.87 23.34
N PRO A 357 -14.43 -10.29 23.54
CA PRO A 357 -15.38 -10.90 24.49
C PRO A 357 -15.74 -12.33 24.15
N THR A 358 -15.86 -12.67 22.86
CA THR A 358 -16.24 -14.04 22.51
C THR A 358 -15.13 -15.03 22.86
N THR A 359 -13.88 -14.66 22.59
CA THR A 359 -12.77 -15.52 23.00
C THR A 359 -12.69 -15.63 24.51
N LEU A 360 -12.91 -14.54 25.25
CA LEU A 360 -12.95 -14.64 26.70
C LEU A 360 -14.05 -15.58 27.16
N ALA A 361 -15.24 -15.48 26.56
CA ALA A 361 -16.36 -16.32 26.96
C ALA A 361 -16.06 -17.79 26.70
N TYR A 362 -15.51 -18.10 25.52
CA TYR A 362 -15.20 -19.49 25.22
C TYR A 362 -14.08 -20.00 26.12
N TYR A 363 -13.10 -19.15 26.43
CA TYR A 363 -12.02 -19.56 27.33
C TYR A 363 -12.56 -19.87 28.72
N PHE A 364 -13.47 -19.03 29.22
CA PHE A 364 -14.10 -19.31 30.52
C PHE A 364 -14.92 -20.58 30.47
N LEU A 365 -15.65 -20.79 29.37
CA LEU A 365 -16.47 -21.99 29.25
C LEU A 365 -15.62 -23.25 29.25
N LEU A 366 -14.47 -23.21 28.56
CA LEU A 366 -13.61 -24.38 28.47
C LEU A 366 -12.84 -24.64 29.77
N ASP A 367 -12.76 -23.66 30.66
CA ASP A 367 -12.02 -23.85 31.90
C ASP A 367 -12.62 -24.99 32.72
N LEU A 368 -13.95 -25.05 32.80
CA LEU A 368 -14.62 -26.10 33.55
C LEU A 368 -15.85 -26.60 32.79
N MET B 1 39.12 2.56 -5.06
CA MET B 1 38.56 1.55 -4.12
C MET B 1 37.23 2.00 -3.56
N GLY B 2 36.92 3.29 -3.72
CA GLY B 2 35.66 3.82 -3.23
C GLY B 2 34.46 3.18 -3.90
N ILE B 3 34.58 2.87 -5.19
CA ILE B 3 33.49 2.31 -5.98
C ILE B 3 33.84 0.85 -6.29
N SER B 4 32.86 -0.04 -6.09
CA SER B 4 33.05 -1.47 -6.28
C SER B 4 31.81 -2.06 -6.95
N TRP B 5 31.96 -3.28 -7.47
CA TRP B 5 30.82 -3.95 -8.09
C TRP B 5 29.75 -4.28 -7.06
N LEU B 6 30.15 -4.44 -5.80
CA LEU B 6 29.17 -4.62 -4.72
C LEU B 6 28.31 -3.37 -4.56
N ASP B 7 28.93 -2.19 -4.67
CA ASP B 7 28.15 -0.95 -4.67
C ASP B 7 27.17 -0.93 -5.83
N ILE B 8 27.62 -1.34 -7.02
CA ILE B 8 26.73 -1.39 -8.17
C ILE B 8 25.56 -2.32 -7.89
N TYR B 9 25.83 -3.45 -7.25
CA TYR B 9 24.75 -4.40 -6.97
C TYR B 9 23.74 -3.82 -6.00
N HIS B 10 24.20 -3.16 -4.93
CA HIS B 10 23.23 -2.54 -4.02
C HIS B 10 22.42 -1.46 -4.73
N VAL B 11 23.05 -0.64 -5.56
CA VAL B 11 22.30 0.40 -6.27
C VAL B 11 21.26 -0.25 -7.17
N VAL B 12 21.64 -1.28 -7.91
CA VAL B 12 20.73 -1.93 -8.83
C VAL B 12 19.59 -2.61 -8.09
N SER B 13 19.89 -3.24 -6.94
CA SER B 13 18.84 -3.92 -6.18
C SER B 13 17.93 -2.94 -5.48
N ALA B 14 18.38 -1.72 -5.21
CA ALA B 14 17.48 -0.70 -4.71
C ALA B 14 16.59 -0.15 -5.81
N THR B 15 17.12 -0.04 -7.03
CA THR B 15 16.34 0.51 -8.13
C THR B 15 15.34 -0.49 -8.69
N VAL B 16 15.68 -1.78 -8.72
CA VAL B 16 14.83 -2.75 -9.44
C VAL B 16 13.44 -2.84 -8.85
N PRO B 17 13.23 -2.83 -7.54
CA PRO B 17 11.85 -2.90 -7.02
C PRO B 17 10.93 -1.85 -7.61
N LEU B 18 11.42 -0.63 -7.78
CA LEU B 18 10.61 0.43 -8.37
C LEU B 18 10.24 0.10 -9.80
N TYR B 19 11.18 -0.44 -10.57
CA TYR B 19 10.87 -0.82 -11.95
C TYR B 19 9.92 -2.00 -12.00
N VAL B 20 9.99 -2.91 -11.02
CA VAL B 20 9.03 -4.02 -10.98
C VAL B 20 7.63 -3.49 -10.77
N SER B 21 7.46 -2.58 -9.80
CA SER B 21 6.14 -2.00 -9.57
C SER B 21 5.67 -1.22 -10.79
N MET B 22 6.58 -0.44 -11.40
CA MET B 22 6.23 0.32 -12.59
C MET B 22 5.76 -0.59 -13.71
N THR B 23 6.50 -1.67 -13.96
CA THR B 23 6.15 -2.57 -15.05
C THR B 23 4.84 -3.30 -14.75
N LEU B 24 4.61 -3.67 -13.50
CA LEU B 24 3.33 -4.29 -13.17
C LEU B 24 2.18 -3.33 -13.43
N GLY B 25 2.33 -2.06 -13.04
CA GLY B 25 1.28 -1.10 -13.33
C GLY B 25 1.06 -0.90 -14.82
N PHE B 26 2.16 -0.76 -15.57
CA PHE B 26 2.04 -0.54 -17.01
C PHE B 26 1.36 -1.73 -17.68
N LEU B 27 1.77 -2.95 -17.34
CA LEU B 27 1.14 -4.13 -17.93
C LEU B 27 -0.33 -4.21 -17.54
N SER B 28 -0.64 -3.96 -16.26
CA SER B 28 -2.02 -4.03 -15.81
C SER B 28 -2.90 -3.02 -16.52
N ALA B 29 -2.36 -1.87 -16.92
CA ALA B 29 -3.16 -0.89 -17.63
C ALA B 29 -3.24 -1.12 -19.12
N ARG B 30 -2.17 -1.61 -19.75
CA ARG B 30 -2.12 -1.74 -21.21
C ARG B 30 -2.37 -3.17 -21.69
N HIS B 31 -1.55 -4.11 -21.26
CA HIS B 31 -1.63 -5.46 -21.81
C HIS B 31 -2.76 -6.26 -21.15
N LEU B 32 -2.86 -6.20 -19.83
CA LEU B 32 -3.87 -6.96 -19.11
C LEU B 32 -5.23 -6.26 -19.07
N LYS B 33 -5.29 -4.98 -19.42
CA LYS B 33 -6.56 -4.26 -19.53
C LYS B 33 -7.38 -4.40 -18.25
N LEU B 34 -6.75 -4.12 -17.11
CA LEU B 34 -7.46 -4.24 -15.83
C LEU B 34 -8.12 -2.94 -15.41
N PHE B 35 -7.37 -1.84 -15.41
CA PHE B 35 -7.85 -0.57 -14.88
C PHE B 35 -8.19 0.37 -16.03
N SER B 36 -9.45 0.79 -16.07
CA SER B 36 -9.87 1.81 -17.02
C SER B 36 -9.27 3.15 -16.64
N PRO B 37 -9.26 4.12 -17.55
CA PRO B 37 -8.65 5.41 -17.22
C PRO B 37 -9.18 6.04 -15.95
N GLU B 38 -10.49 5.89 -15.70
CA GLU B 38 -11.06 6.41 -14.46
C GLU B 38 -10.48 5.69 -13.25
N GLN B 39 -10.34 4.36 -13.33
CA GLN B 39 -9.81 3.61 -12.19
C GLN B 39 -8.33 3.92 -11.97
N CYS B 40 -7.57 4.11 -13.05
CA CYS B 40 -6.19 4.54 -12.90
C CYS B 40 -6.11 5.91 -12.23
N ALA B 41 -6.99 6.83 -12.63
CA ALA B 41 -7.04 8.13 -11.98
C ALA B 41 -7.42 7.99 -10.51
N GLY B 42 -8.29 7.04 -10.20
CA GLY B 42 -8.65 6.81 -8.80
C GLY B 42 -7.49 6.30 -7.97
N ILE B 43 -6.72 5.37 -8.53
CA ILE B 43 -5.53 4.88 -7.82
C ILE B 43 -4.54 6.01 -7.62
N ASN B 44 -4.32 6.82 -8.64
CA ASN B 44 -3.39 7.95 -8.48
C ASN B 44 -3.92 8.96 -7.46
N LYS B 45 -5.24 9.19 -7.44
CA LYS B 45 -5.81 10.09 -6.45
C LYS B 45 -5.60 9.56 -5.05
N PHE B 46 -5.80 8.26 -4.84
CA PHE B 46 -5.51 7.67 -3.54
C PHE B 46 -4.04 7.87 -3.18
N VAL B 47 -3.14 7.66 -4.14
CA VAL B 47 -1.72 7.80 -3.84
C VAL B 47 -1.41 9.24 -3.44
N ALA B 48 -2.00 10.21 -4.14
CA ALA B 48 -1.67 11.61 -3.88
C ALA B 48 -2.30 12.09 -2.58
N LYS B 49 -3.46 11.56 -2.20
CA LYS B 49 -4.21 12.07 -1.06
C LYS B 49 -3.96 11.32 0.23
N PHE B 50 -3.53 10.06 0.16
CA PHE B 50 -3.36 9.24 1.35
C PHE B 50 -1.97 8.65 1.52
N SER B 51 -1.25 8.41 0.44
CA SER B 51 0.06 7.76 0.54
C SER B 51 1.20 8.74 0.65
N ILE B 52 1.12 9.88 -0.04
CA ILE B 52 2.20 10.87 0.00
C ILE B 52 2.09 11.70 1.27
N PRO B 53 0.91 12.22 1.64
CA PRO B 53 0.80 12.94 2.92
C PRO B 53 1.22 12.10 4.11
N LEU B 54 0.78 10.85 4.17
CA LEU B 54 1.13 9.98 5.29
C LEU B 54 2.58 9.55 5.26
N LEU B 55 3.30 9.84 4.18
CA LEU B 55 4.75 9.63 4.15
C LEU B 55 5.52 10.92 4.29
N SER B 56 4.96 12.05 3.84
CA SER B 56 5.56 13.34 4.17
C SER B 56 5.57 13.53 5.68
N PHE B 57 4.49 13.15 6.36
CA PHE B 57 4.47 13.25 7.81
C PHE B 57 5.54 12.37 8.43
N GLN B 58 5.69 11.14 7.93
CA GLN B 58 6.68 10.24 8.50
C GLN B 58 8.10 10.76 8.30
N ILE B 59 8.38 11.33 7.13
CA ILE B 59 9.71 11.87 6.87
C ILE B 59 9.97 13.07 7.77
N ILE B 60 9.02 14.00 7.85
CA ILE B 60 9.27 15.25 8.57
C ILE B 60 9.32 15.00 10.08
N SER B 61 8.46 14.12 10.59
CA SER B 61 8.38 13.89 12.02
C SER B 61 9.66 13.23 12.55
N GLU B 62 10.24 12.33 11.78
CA GLU B 62 11.43 11.61 12.22
C GLU B 62 12.70 12.45 12.15
N ASN B 63 12.63 13.66 11.60
CA ASN B 63 13.78 14.55 11.57
C ASN B 63 13.90 15.30 12.90
N ASN B 64 15.03 15.97 13.07
CA ASN B 64 15.26 16.86 14.20
C ASN B 64 15.34 18.28 13.70
N PRO B 65 14.29 19.09 13.83
CA PRO B 65 14.34 20.45 13.27
C PRO B 65 15.47 21.29 13.84
N PHE B 66 15.91 21.02 15.06
CA PHE B 66 16.95 21.82 15.70
C PHE B 66 18.35 21.39 15.33
N LYS B 67 18.53 20.31 14.58
CA LYS B 67 19.84 19.86 14.16
C LYS B 67 20.07 19.99 12.66
N MET B 68 19.13 20.58 11.92
CA MET B 68 19.36 20.82 10.50
C MET B 68 20.52 21.78 10.31
N SER B 69 21.41 21.44 9.41
CA SER B 69 22.57 22.28 9.14
C SER B 69 22.15 23.53 8.39
N PRO B 70 22.41 24.73 8.90
CA PRO B 70 21.98 25.93 8.18
C PRO B 70 22.65 26.07 6.82
N LYS B 71 23.90 25.63 6.70
CA LYS B 71 24.60 25.75 5.41
C LYS B 71 23.89 24.94 4.34
N LEU B 72 23.42 23.74 4.66
CA LEU B 72 22.73 22.92 3.66
C LEU B 72 21.43 23.56 3.20
N ILE B 73 20.65 24.12 4.14
CA ILE B 73 19.41 24.78 3.76
C ILE B 73 19.69 26.01 2.91
N LEU B 74 20.71 26.79 3.29
CA LEU B 74 21.06 27.96 2.51
C LEU B 74 21.50 27.57 1.10
N SER B 75 22.31 26.51 0.99
CA SER B 75 22.74 26.05 -0.32
C SER B 75 21.56 25.58 -1.16
N ASP B 76 20.64 24.85 -0.56
CA ASP B 76 19.48 24.37 -1.31
C ASP B 76 18.62 25.54 -1.80
N ILE B 77 18.38 26.52 -0.95
CA ILE B 77 17.59 27.68 -1.35
C ILE B 77 18.31 28.46 -2.45
N LEU B 78 19.63 28.60 -2.33
CA LEU B 78 20.39 29.31 -3.35
C LEU B 78 20.31 28.57 -4.69
N GLN B 79 20.43 27.24 -4.67
CA GLN B 79 20.30 26.48 -5.91
C GLN B 79 18.92 26.68 -6.53
N LYS B 80 17.87 26.60 -5.71
CA LYS B 80 16.54 26.75 -6.25
C LYS B 80 16.34 28.13 -6.86
N PHE B 81 16.86 29.16 -6.19
CA PHE B 81 16.73 30.51 -6.73
C PHE B 81 17.51 30.67 -8.03
N LEU B 82 18.74 30.15 -8.09
CA LEU B 82 19.51 30.26 -9.32
C LEU B 82 18.82 29.53 -10.46
N VAL B 83 18.28 28.34 -10.19
CA VAL B 83 17.50 27.64 -11.21
C VAL B 83 16.35 28.51 -11.68
N VAL B 84 15.43 28.85 -10.76
CA VAL B 84 14.28 29.67 -11.12
C VAL B 84 14.70 30.84 -12.01
N VAL B 85 15.80 31.52 -11.63
CA VAL B 85 16.24 32.66 -12.41
C VAL B 85 16.64 32.24 -13.82
N VAL B 86 17.40 31.15 -13.94
CA VAL B 86 17.86 30.71 -15.26
C VAL B 86 16.68 30.29 -16.13
N LEU B 87 15.75 29.54 -15.55
CA LEU B 87 14.57 29.12 -16.30
C LEU B 87 13.74 30.31 -16.75
N ALA B 88 13.54 31.29 -15.86
CA ALA B 88 12.77 32.47 -16.25
C ALA B 88 13.47 33.24 -17.36
N MET B 89 14.79 33.38 -17.26
CA MET B 89 15.54 34.08 -18.31
C MET B 89 15.43 33.34 -19.64
N VAL B 90 15.55 32.01 -19.61
CA VAL B 90 15.47 31.23 -20.83
C VAL B 90 14.07 31.32 -21.44
N LEU B 91 13.04 31.19 -20.62
CA LEU B 91 11.67 31.24 -21.14
C LEU B 91 11.39 32.58 -21.81
N ARG B 92 12.09 33.64 -21.41
CA ARG B 92 11.88 34.94 -22.04
C ARG B 92 12.25 34.91 -23.51
N PHE B 93 13.37 34.28 -23.85
CA PHE B 93 13.83 34.27 -25.24
C PHE B 93 13.12 33.18 -26.04
N TRP B 94 13.30 31.93 -25.66
CA TRP B 94 12.73 30.79 -26.36
C TRP B 94 11.72 30.10 -25.48
N HIS B 95 10.52 29.88 -26.01
CA HIS B 95 9.49 29.17 -25.28
C HIS B 95 9.39 27.72 -25.74
N PRO B 96 9.09 26.77 -24.86
CA PRO B 96 8.93 25.38 -25.31
C PRO B 96 7.72 25.23 -26.21
N THR B 97 7.76 24.18 -27.03
CA THR B 97 6.67 23.90 -27.97
C THR B 97 6.45 25.10 -28.89
N GLY B 98 7.54 25.69 -29.36
CA GLY B 98 7.46 26.88 -30.18
C GLY B 98 7.22 28.12 -29.35
N GLY B 99 6.94 29.22 -30.05
CA GLY B 99 6.67 30.48 -29.39
C GLY B 99 5.22 30.62 -28.98
N ARG B 100 4.93 30.40 -27.70
CA ARG B 100 3.57 30.47 -27.18
C ARG B 100 3.61 30.98 -25.76
N GLY B 101 2.43 31.12 -25.15
CA GLY B 101 2.31 31.51 -23.77
C GLY B 101 2.30 30.31 -22.83
N GLY B 102 2.14 30.61 -21.55
CA GLY B 102 2.11 29.57 -20.53
C GLY B 102 3.42 29.47 -19.77
N LYS B 103 3.97 30.62 -19.37
CA LYS B 103 5.24 30.63 -18.66
C LYS B 103 5.15 29.85 -17.35
N LEU B 104 4.06 30.03 -16.60
CA LEU B 104 3.99 29.47 -15.26
C LEU B 104 4.01 27.94 -15.29
N GLY B 105 3.24 27.33 -16.19
CA GLY B 105 3.22 25.88 -16.25
C GLY B 105 4.57 25.29 -16.63
N TRP B 106 5.23 25.89 -17.62
CA TRP B 106 6.51 25.39 -18.07
C TRP B 106 7.60 25.59 -17.02
N VAL B 107 7.57 26.71 -16.29
CA VAL B 107 8.54 26.90 -15.22
C VAL B 107 8.26 25.94 -14.08
N ILE B 108 6.98 25.66 -13.79
CA ILE B 108 6.67 24.68 -12.76
C ILE B 108 7.23 23.31 -13.14
N THR B 109 7.05 22.91 -14.39
CA THR B 109 7.61 21.63 -14.83
C THR B 109 9.14 21.65 -14.78
N GLY B 110 9.75 22.77 -15.20
CA GLY B 110 11.20 22.88 -15.15
C GLY B 110 11.73 22.75 -13.73
N LEU B 111 11.00 23.31 -12.76
CA LEU B 111 11.42 23.18 -11.38
C LEU B 111 11.18 21.76 -10.86
N SER B 112 10.04 21.17 -11.21
CA SER B 112 9.79 19.79 -10.82
C SER B 112 10.91 18.88 -11.33
N ILE B 113 11.49 19.21 -12.49
CA ILE B 113 12.57 18.40 -13.04
C ILE B 113 13.89 18.74 -12.37
N SER B 114 14.36 19.97 -12.54
CA SER B 114 15.73 20.31 -12.18
C SER B 114 15.96 20.20 -10.68
N VAL B 115 15.02 20.66 -9.87
CA VAL B 115 15.30 20.93 -8.46
C VAL B 115 14.52 20.03 -7.52
N LEU B 116 14.25 18.79 -7.94
CA LEU B 116 13.61 17.80 -7.08
C LEU B 116 14.17 16.41 -7.39
N PRO B 117 15.37 16.12 -6.89
CA PRO B 117 15.97 14.81 -7.14
C PRO B 117 15.25 13.73 -6.34
N ASN B 118 15.67 12.48 -6.58
CA ASN B 118 15.24 11.33 -5.80
C ASN B 118 16.36 10.96 -4.84
N THR B 119 16.11 11.12 -3.55
CA THR B 119 17.12 10.87 -2.52
C THR B 119 16.71 9.80 -1.52
N LEU B 120 15.42 9.66 -1.22
CA LEU B 120 15.02 8.78 -0.15
C LEU B 120 15.39 7.32 -0.44
N ILE B 121 15.15 6.87 -1.66
CA ILE B 121 15.25 5.45 -1.99
C ILE B 121 16.55 5.13 -2.72
N LEU B 122 16.93 5.97 -3.70
CA LEU B 122 18.11 5.73 -4.50
C LEU B 122 19.33 6.52 -4.02
N GLY B 123 19.13 7.72 -3.48
CA GLY B 123 20.27 8.48 -2.99
C GLY B 123 20.97 7.79 -1.83
N MET B 124 20.20 7.18 -0.93
CA MET B 124 20.81 6.52 0.22
C MET B 124 21.73 5.38 -0.21
N PRO B 125 21.29 4.41 -1.02
CA PRO B 125 22.23 3.34 -1.42
C PRO B 125 23.41 3.86 -2.23
N ILE B 126 23.21 4.91 -3.02
CA ILE B 126 24.25 5.33 -3.95
C ILE B 126 25.31 6.16 -3.25
N LEU B 127 24.91 7.33 -2.73
CA LEU B 127 25.88 8.25 -2.15
C LEU B 127 26.36 7.83 -0.77
N SER B 128 25.54 7.12 0.01
CA SER B 128 26.03 6.57 1.25
C SER B 128 27.11 5.53 0.99
N ALA B 129 26.97 4.76 -0.08
CA ALA B 129 28.01 3.81 -0.45
C ALA B 129 29.26 4.54 -0.95
N ILE B 130 29.07 5.54 -1.81
CA ILE B 130 30.22 6.23 -2.39
C ILE B 130 31.02 6.96 -1.31
N TYR B 131 30.33 7.66 -0.41
CA TYR B 131 30.97 8.52 0.59
C TYR B 131 30.78 8.00 2.01
N GLY B 132 30.39 6.75 2.17
CA GLY B 132 30.22 6.20 3.50
C GLY B 132 28.96 6.74 4.19
N ASP B 133 28.93 6.55 5.51
CA ASP B 133 27.78 6.95 6.30
C ASP B 133 27.70 8.45 6.55
N GLU B 134 28.76 9.20 6.24
CA GLU B 134 28.72 10.65 6.46
C GLU B 134 27.64 11.29 5.60
N ALA B 135 27.52 10.86 4.34
CA ALA B 135 26.53 11.44 3.44
C ALA B 135 25.11 11.07 3.85
N ALA B 136 24.92 10.02 4.64
CA ALA B 136 23.58 9.59 5.00
C ALA B 136 22.81 10.71 5.71
N SER B 137 23.43 11.32 6.72
CA SER B 137 22.73 12.35 7.49
C SER B 137 22.46 13.59 6.64
N ILE B 138 23.43 14.00 5.82
CA ILE B 138 23.24 15.20 5.01
C ILE B 138 22.12 14.98 4.00
N LEU B 139 22.11 13.81 3.35
CA LEU B 139 21.03 13.51 2.43
C LEU B 139 19.70 13.40 3.17
N GLU B 140 19.73 12.94 4.42
CA GLU B 140 18.49 12.90 5.20
C GLU B 140 17.96 14.31 5.44
N GLN B 141 18.84 15.26 5.75
CA GLN B 141 18.40 16.64 5.90
C GLN B 141 17.85 17.18 4.58
N ILE B 142 18.50 16.84 3.46
CA ILE B 142 17.99 17.26 2.16
C ILE B 142 16.59 16.71 1.93
N VAL B 143 16.38 15.43 2.23
CA VAL B 143 15.07 14.81 2.04
C VAL B 143 14.03 15.46 2.92
N VAL B 144 14.37 15.74 4.18
CA VAL B 144 13.42 16.36 5.07
C VAL B 144 13.05 17.76 4.60
N LEU B 145 14.04 18.54 4.16
CA LEU B 145 13.73 19.86 3.60
C LEU B 145 12.88 19.74 2.35
N GLN B 146 13.18 18.75 1.50
CA GLN B 146 12.39 18.52 0.29
C GLN B 146 10.93 18.29 0.65
N SER B 147 10.67 17.42 1.60
CA SER B 147 9.29 17.14 2.01
C SER B 147 8.69 18.28 2.81
N LEU B 148 9.51 19.15 3.40
CA LEU B 148 9.02 20.18 4.30
C LEU B 148 8.58 21.43 3.55
N ILE B 149 9.44 21.96 2.69
CA ILE B 149 9.22 23.25 2.05
C ILE B 149 8.95 23.10 0.55
N TRP B 150 9.74 22.29 -0.13
CA TRP B 150 9.74 22.34 -1.59
C TRP B 150 8.50 21.71 -2.18
N TYR B 151 8.05 20.57 -1.65
CA TYR B 151 6.82 19.97 -2.17
C TYR B 151 5.62 20.86 -1.91
N THR B 152 5.57 21.51 -0.75
CA THR B 152 4.48 22.43 -0.46
C THR B 152 4.49 23.62 -1.41
N ILE B 153 5.68 24.18 -1.68
CA ILE B 153 5.76 25.28 -2.62
C ILE B 153 5.34 24.84 -4.01
N LEU B 154 5.74 23.62 -4.39
CA LEU B 154 5.34 23.09 -5.70
C LEU B 154 3.83 22.94 -5.79
N LEU B 155 3.20 22.46 -4.72
CA LEU B 155 1.75 22.33 -4.72
C LEU B 155 1.08 23.70 -4.81
N PHE B 156 1.61 24.69 -4.10
CA PHE B 156 1.06 26.04 -4.22
C PHE B 156 1.16 26.55 -5.64
N LEU B 157 2.32 26.34 -6.29
CA LEU B 157 2.48 26.79 -7.67
C LEU B 157 1.51 26.04 -8.59
N PHE B 158 1.33 24.74 -8.38
CA PHE B 158 0.40 23.97 -9.19
C PHE B 158 -1.01 24.53 -9.06
N GLU B 159 -1.45 24.80 -7.83
CA GLU B 159 -2.81 25.29 -7.63
C GLU B 159 -2.97 26.72 -8.11
N LEU B 160 -1.92 27.54 -8.00
CA LEU B 160 -1.95 28.87 -8.59
C LEU B 160 -2.15 28.79 -10.10
N ASN B 161 -1.41 27.90 -10.76
CA ASN B 161 -1.58 27.73 -12.20
C ASN B 161 -2.97 27.22 -12.53
N ALA B 162 -3.49 26.28 -11.74
CA ALA B 162 -4.83 25.76 -11.99
C ALA B 162 -5.87 26.87 -11.86
N ALA B 163 -5.71 27.75 -10.88
CA ALA B 163 -6.64 28.85 -10.66
C ALA B 163 -6.49 29.97 -11.67
N ARG B 164 -5.39 29.99 -12.44
CA ARG B 164 -5.16 31.03 -13.43
C ARG B 164 -5.70 30.66 -14.81
N ALA B 165 -6.33 29.49 -14.94
CA ALA B 165 -6.87 29.06 -16.22
C ALA B 165 -8.36 29.41 -16.32
N GLY B 207 -7.96 41.91 -10.46
CA GLY B 207 -8.02 40.47 -10.36
C GLY B 207 -6.64 39.83 -10.28
N THR B 208 -5.80 40.36 -9.41
CA THR B 208 -4.45 39.84 -9.21
C THR B 208 -4.23 39.24 -7.84
N MET B 209 -4.69 39.92 -6.77
CA MET B 209 -4.61 39.34 -5.44
C MET B 209 -5.66 38.25 -5.24
N LYS B 210 -6.78 38.32 -5.96
CA LYS B 210 -7.81 37.30 -5.83
C LYS B 210 -7.28 35.94 -6.27
N ILE B 211 -6.47 35.90 -7.34
CA ILE B 211 -5.90 34.63 -7.79
C ILE B 211 -4.98 34.04 -6.73
N LEU B 212 -4.13 34.88 -6.12
CA LEU B 212 -3.25 34.39 -5.08
C LEU B 212 -4.03 33.89 -3.87
N LEU B 213 -5.09 34.60 -3.49
CA LEU B 213 -5.92 34.17 -2.38
C LEU B 213 -6.58 32.83 -2.70
N LYS B 214 -7.04 32.66 -3.94
CA LYS B 214 -7.62 31.38 -4.35
C LYS B 214 -6.58 30.27 -4.28
N ALA B 215 -5.35 30.57 -4.70
CA ALA B 215 -4.28 29.57 -4.59
C ALA B 215 -4.06 29.18 -3.14
N TRP B 216 -4.04 30.17 -2.23
CA TRP B 216 -3.85 29.85 -0.82
C TRP B 216 -5.01 29.01 -0.29
N ARG B 217 -6.24 29.35 -0.64
CA ARG B 217 -7.39 28.57 -0.18
C ARG B 217 -7.33 27.14 -0.71
N LYS B 218 -6.89 26.97 -1.96
CA LYS B 218 -6.72 25.62 -2.48
C LYS B 218 -5.58 24.90 -1.77
N LEU B 219 -4.58 25.65 -1.28
CA LEU B 219 -3.47 25.03 -0.56
C LEU B 219 -3.92 24.52 0.81
N ILE B 220 -4.66 25.33 1.56
CA ILE B 220 -4.96 24.97 2.94
C ILE B 220 -5.72 23.66 3.01
N ILE B 221 -6.65 23.43 2.08
CA ILE B 221 -7.41 22.18 2.09
C ILE B 221 -6.61 21.01 1.56
N ASN B 222 -5.44 21.25 0.99
CA ASN B 222 -4.62 20.17 0.47
C ASN B 222 -4.15 19.28 1.62
N PRO B 223 -4.26 17.96 1.52
CA PRO B 223 -3.75 17.11 2.61
C PRO B 223 -2.24 17.23 2.82
N ASN B 224 -1.48 17.55 1.77
CA ASN B 224 -0.03 17.60 1.90
C ASN B 224 0.41 18.70 2.86
N THR B 225 -0.19 19.89 2.77
CA THR B 225 0.21 20.97 3.67
C THR B 225 -0.10 20.61 5.12
N TYR B 226 -1.25 19.98 5.36
CA TYR B 226 -1.57 19.58 6.73
C TYR B 226 -0.63 18.51 7.22
N ALA B 227 -0.26 17.56 6.34
CA ALA B 227 0.71 16.54 6.73
C ALA B 227 2.04 17.17 7.09
N THR B 228 2.51 18.13 6.29
CA THR B 228 3.79 18.76 6.59
C THR B 228 3.73 19.58 7.87
N LEU B 229 2.63 20.31 8.09
CA LEU B 229 2.52 21.13 9.30
C LEU B 229 2.44 20.25 10.54
N ILE B 230 1.63 19.19 10.51
CA ILE B 230 1.56 18.29 11.63
C ILE B 230 2.91 17.60 11.84
N GLY B 231 3.60 17.27 10.74
CA GLY B 231 4.89 16.63 10.87
C GLY B 231 5.93 17.51 11.52
N ILE B 232 6.00 18.78 11.11
CA ILE B 232 6.97 19.68 11.73
C ILE B 232 6.61 19.94 13.18
N ILE B 233 5.32 20.12 13.48
CA ILE B 233 4.92 20.36 14.87
C ILE B 233 5.24 19.14 15.73
N TRP B 234 4.97 17.94 15.21
CA TRP B 234 5.26 16.75 15.98
C TRP B 234 6.76 16.52 16.12
N ALA B 235 7.55 16.84 15.10
CA ALA B 235 9.00 16.74 15.26
C ALA B 235 9.47 17.68 16.36
N THR B 236 8.95 18.91 16.37
CA THR B 236 9.27 19.84 17.44
C THR B 236 8.93 19.24 18.80
N LEU B 237 7.70 18.75 18.95
CA LEU B 237 7.30 18.19 20.23
C LEU B 237 8.18 17.02 20.63
N HIS B 238 8.42 16.10 19.69
CA HIS B 238 9.15 14.87 19.99
C HIS B 238 10.57 15.17 20.40
N PHE B 239 11.25 16.07 19.69
CA PHE B 239 12.67 16.32 19.93
C PHE B 239 12.91 17.45 20.94
N ARG B 240 11.86 18.13 21.40
CA ARG B 240 12.01 19.12 22.46
C ARG B 240 11.49 18.60 23.79
N LEU B 241 10.23 18.17 23.84
CA LEU B 241 9.63 17.67 25.08
C LEU B 241 9.72 16.16 25.23
N GLY B 242 10.31 15.46 24.26
CA GLY B 242 10.49 14.03 24.37
C GLY B 242 9.24 13.20 24.16
N TRP B 243 8.15 13.80 23.72
CA TRP B 243 6.93 13.04 23.50
C TRP B 243 7.15 11.98 22.43
N ASN B 244 6.66 10.77 22.70
CA ASN B 244 6.79 9.65 21.78
C ASN B 244 5.43 9.34 21.17
N LEU B 245 5.40 9.16 19.87
CA LEU B 245 4.14 8.88 19.19
C LEU B 245 3.59 7.54 19.71
N PRO B 246 2.31 7.48 20.10
CA PRO B 246 1.78 6.22 20.61
C PRO B 246 1.87 5.10 19.58
N GLU B 247 2.06 3.89 20.08
CA GLU B 247 2.19 2.73 19.20
C GLU B 247 0.95 2.56 18.34
N MET B 248 -0.23 2.77 18.91
CA MET B 248 -1.46 2.62 18.16
C MET B 248 -1.49 3.56 16.96
N ILE B 249 -1.18 4.84 17.19
CA ILE B 249 -1.19 5.82 16.10
C ILE B 249 -0.09 5.53 15.10
N ASP B 250 1.08 5.09 15.57
CA ASP B 250 2.17 4.77 14.66
C ASP B 250 1.76 3.66 13.71
N LYS B 251 1.15 2.60 14.24
CA LYS B 251 0.70 1.50 13.40
C LYS B 251 -0.43 1.94 12.47
N SER B 252 -1.32 2.81 12.97
CA SER B 252 -2.40 3.32 12.12
C SER B 252 -1.84 4.07 10.92
N ILE B 253 -0.82 4.90 11.14
CA ILE B 253 -0.19 5.63 10.04
C ILE B 253 0.51 4.65 9.11
N HIS B 254 1.22 3.67 9.68
CA HIS B 254 2.03 2.77 8.86
C HIS B 254 1.17 1.92 7.94
N LEU B 255 0.00 1.47 8.42
CA LEU B 255 -0.86 0.65 7.57
C LEU B 255 -1.09 1.30 6.21
N LEU B 256 -1.32 2.61 6.19
CA LEU B 256 -1.60 3.30 4.94
C LEU B 256 -0.36 3.83 4.26
N SER B 257 0.69 4.16 5.01
CA SER B 257 1.89 4.74 4.40
C SER B 257 2.86 3.70 3.88
N ASP B 258 2.71 2.43 4.25
CA ASP B 258 3.71 1.43 3.89
C ASP B 258 3.76 1.19 2.40
N GLY B 259 2.60 1.02 1.76
CA GLY B 259 2.54 0.74 0.35
C GLY B 259 2.57 1.98 -0.53
N GLY B 260 2.93 3.13 0.04
CA GLY B 260 2.87 4.36 -0.73
C GLY B 260 3.78 4.34 -1.93
N LEU B 261 5.01 3.88 -1.76
CA LEU B 261 5.97 3.91 -2.86
C LEU B 261 5.60 2.88 -3.92
N GLY B 262 5.18 1.69 -3.51
CA GLY B 262 4.74 0.70 -4.48
C GLY B 262 3.57 1.20 -5.30
N MET B 263 2.59 1.82 -4.64
CA MET B 263 1.45 2.36 -5.37
C MET B 263 1.83 3.55 -6.24
N ALA B 264 2.80 4.37 -5.81
CA ALA B 264 3.22 5.50 -6.63
C ALA B 264 3.87 5.01 -7.91
N MET B 265 4.75 4.03 -7.82
CA MET B 265 5.36 3.48 -9.02
C MET B 265 4.32 2.76 -9.87
N PHE B 266 3.35 2.12 -9.23
CA PHE B 266 2.25 1.51 -9.97
C PHE B 266 1.48 2.56 -10.77
N SER B 267 1.21 3.71 -10.15
CA SER B 267 0.49 4.78 -10.83
C SER B 267 1.31 5.34 -11.99
N LEU B 268 2.61 5.46 -11.81
CA LEU B 268 3.46 5.92 -12.91
C LEU B 268 3.40 4.93 -14.07
N GLY B 269 3.41 3.63 -13.76
CA GLY B 269 3.25 2.64 -14.82
C GLY B 269 1.91 2.73 -15.52
N LEU B 270 0.84 2.95 -14.75
CA LEU B 270 -0.47 3.10 -15.35
C LEU B 270 -0.49 4.28 -16.33
N PHE B 271 0.08 5.41 -15.91
CA PHE B 271 0.15 6.56 -16.80
C PHE B 271 0.97 6.24 -18.05
N MET B 272 2.10 5.57 -17.87
CA MET B 272 2.89 5.16 -19.04
C MET B 272 2.02 4.36 -20.01
N ALA B 273 1.22 3.43 -19.48
CA ALA B 273 0.30 2.69 -20.33
C ALA B 273 -0.65 3.62 -21.04
N SER B 274 -1.10 4.69 -20.35
CA SER B 274 -1.99 5.65 -21.00
C SER B 274 -1.31 6.35 -22.16
N GLN B 275 -0.05 6.74 -22.00
CA GLN B 275 0.66 7.49 -23.02
C GLN B 275 0.94 6.62 -24.24
N SER B 276 0.97 7.28 -25.41
CA SER B 276 1.16 6.55 -26.66
C SER B 276 2.53 5.89 -26.73
N SER B 277 3.58 6.60 -26.34
CA SER B 277 4.94 6.08 -26.42
C SER B 277 5.67 6.40 -25.12
N ILE B 278 6.70 5.59 -24.84
CA ILE B 278 7.44 5.75 -23.58
C ILE B 278 8.08 7.13 -23.52
N ILE B 279 8.63 7.60 -24.64
CA ILE B 279 9.06 9.01 -24.73
C ILE B 279 7.84 9.78 -25.19
N ALA B 280 6.97 10.12 -24.23
CA ALA B 280 5.70 10.76 -24.57
C ALA B 280 5.89 12.19 -25.05
N CYS B 281 6.90 12.89 -24.53
CA CYS B 281 7.11 14.29 -24.90
C CYS B 281 7.87 14.44 -26.22
N GLY B 282 8.44 13.37 -26.74
CA GLY B 282 9.25 13.45 -27.94
C GLY B 282 10.73 13.52 -27.62
N THR B 283 11.55 13.25 -28.64
CA THR B 283 13.00 13.22 -28.42
C THR B 283 13.53 14.59 -28.04
N LYS B 284 13.21 15.62 -28.84
CA LYS B 284 13.75 16.95 -28.58
C LYS B 284 13.44 17.40 -27.15
N MET B 285 12.17 17.35 -26.77
CA MET B 285 11.82 17.70 -25.40
C MET B 285 12.44 16.72 -24.42
N ALA B 286 12.58 15.46 -24.79
CA ALA B 286 13.27 14.51 -23.92
C ALA B 286 14.74 14.90 -23.74
N ILE B 287 15.40 15.31 -24.82
CA ILE B 287 16.79 15.76 -24.70
C ILE B 287 16.88 16.95 -23.76
N ILE B 288 16.00 17.94 -23.96
CA ILE B 288 16.06 19.13 -23.11
C ILE B 288 15.73 18.82 -21.66
N THR B 289 14.78 17.94 -21.39
CA THR B 289 14.44 17.57 -20.02
C THR B 289 15.58 16.81 -19.36
N MET B 290 16.16 15.84 -20.06
CA MET B 290 17.27 15.08 -19.51
C MET B 290 18.45 16.01 -19.23
N LEU B 291 18.71 16.95 -20.15
CA LEU B 291 19.78 17.91 -19.94
C LEU B 291 19.51 18.78 -18.73
N LEU B 292 18.30 19.35 -18.65
CA LEU B 292 17.95 20.18 -17.51
C LEU B 292 18.17 19.43 -16.20
N LYS B 293 17.77 18.15 -16.16
CA LYS B 293 17.86 17.42 -14.92
C LYS B 293 19.30 17.08 -14.55
N PHE B 294 20.08 16.60 -15.52
CA PHE B 294 21.37 15.99 -15.23
C PHE B 294 22.57 16.86 -15.57
N VAL B 295 22.37 18.10 -16.01
CA VAL B 295 23.49 19.01 -16.21
C VAL B 295 23.22 20.32 -15.51
N LEU B 296 22.11 20.98 -15.85
CA LEU B 296 21.83 22.30 -15.28
C LEU B 296 21.60 22.21 -13.78
N GLY B 297 20.83 21.23 -13.33
CA GLY B 297 20.54 21.10 -11.92
C GLY B 297 21.80 20.89 -11.10
N PRO B 298 22.56 19.85 -11.43
CA PRO B 298 23.83 19.63 -10.73
C PRO B 298 24.83 20.75 -10.91
N ALA B 299 24.89 21.38 -12.08
CA ALA B 299 25.81 22.50 -12.27
C ALA B 299 25.43 23.68 -11.39
N LEU B 300 24.14 24.01 -11.35
CA LEU B 300 23.71 25.11 -10.49
C LEU B 300 23.87 24.75 -9.02
N MET B 301 23.73 23.47 -8.67
CA MET B 301 24.00 23.07 -7.29
C MET B 301 25.47 23.20 -6.95
N ILE B 302 26.34 22.92 -7.93
CA ILE B 302 27.78 23.16 -7.73
C ILE B 302 28.04 24.64 -7.49
N ALA B 303 27.43 25.49 -8.31
CA ALA B 303 27.60 26.92 -8.11
C ALA B 303 27.12 27.35 -6.73
N SER B 304 25.96 26.85 -6.31
CA SER B 304 25.41 27.21 -5.00
C SER B 304 26.32 26.73 -3.87
N ALA B 305 26.81 25.50 -3.96
CA ALA B 305 27.68 24.96 -2.93
C ALA B 305 28.97 25.78 -2.84
N TYR B 306 29.56 26.12 -3.99
CA TYR B 306 30.76 26.95 -4.00
C TYR B 306 30.47 28.31 -3.36
N CYS B 307 29.35 28.92 -3.72
CA CYS B 307 29.02 30.24 -3.19
C CYS B 307 28.84 30.21 -1.67
N ILE B 308 28.11 29.21 -1.17
CA ILE B 308 27.89 29.12 0.27
C ILE B 308 29.12 28.61 1.01
N ARG B 309 30.14 28.17 0.28
CA ARG B 309 31.40 27.71 0.87
C ARG B 309 31.20 26.46 1.71
N LEU B 310 30.40 25.52 1.20
CA LEU B 310 30.37 24.19 1.79
C LEU B 310 31.77 23.59 1.71
N LYS B 311 32.19 22.93 2.79
CA LYS B 311 33.56 22.45 2.93
C LYS B 311 33.60 20.93 2.87
N SER B 312 34.52 20.42 2.06
CA SER B 312 34.86 19.00 2.00
C SER B 312 33.59 18.20 1.71
N THR B 313 33.25 17.18 2.51
CA THR B 313 32.17 16.27 2.14
C THR B 313 30.87 17.02 1.90
N LEU B 314 30.64 18.11 2.62
CA LEU B 314 29.40 18.86 2.43
C LEU B 314 29.33 19.41 1.01
N PHE B 315 30.43 19.94 0.48
CA PHE B 315 30.44 20.44 -0.88
C PHE B 315 30.20 19.30 -1.87
N LYS B 316 30.86 18.17 -1.67
CA LYS B 316 30.75 17.07 -2.62
C LYS B 316 29.40 16.37 -2.52
N VAL B 317 28.94 16.11 -1.30
CA VAL B 317 27.69 15.37 -1.14
C VAL B 317 26.50 16.20 -1.59
N ALA B 318 26.60 17.52 -1.50
CA ALA B 318 25.47 18.37 -1.84
C ALA B 318 25.25 18.50 -3.34
N ILE B 319 26.24 18.15 -4.16
CA ILE B 319 26.16 18.35 -5.60
C ILE B 319 25.91 17.02 -6.30
N LEU B 320 26.40 15.93 -5.71
CA LEU B 320 26.08 14.61 -6.23
C LEU B 320 24.64 14.20 -5.93
N GLN B 321 23.97 14.88 -4.99
CA GLN B 321 22.58 14.58 -4.74
C GLN B 321 21.67 15.18 -5.80
N ALA B 322 22.03 16.34 -6.34
CA ALA B 322 21.21 16.98 -7.35
C ALA B 322 21.16 16.15 -8.64
N ALA B 323 22.29 15.53 -8.99
CA ALA B 323 22.38 14.70 -10.20
C ALA B 323 21.83 13.31 -9.88
N LEU B 324 20.52 13.26 -9.70
CA LEU B 324 19.83 12.04 -9.30
C LEU B 324 18.49 12.01 -10.00
N PRO B 325 17.80 10.87 -10.00
CA PRO B 325 16.57 10.74 -10.77
C PRO B 325 15.55 11.80 -10.40
N GLN B 326 14.52 11.91 -11.25
CA GLN B 326 13.58 13.02 -11.13
C GLN B 326 12.63 12.84 -9.96
N GLY B 327 12.38 11.61 -9.53
CA GLY B 327 11.43 11.34 -8.48
C GLY B 327 10.01 11.19 -9.00
N VAL B 328 9.15 10.60 -8.17
CA VAL B 328 7.78 10.30 -8.57
C VAL B 328 6.74 11.02 -7.72
N VAL B 329 7.12 11.77 -6.68
CA VAL B 329 6.19 12.73 -6.08
C VAL B 329 5.85 13.84 -7.07
N PRO B 330 6.81 14.50 -7.72
CA PRO B 330 6.43 15.49 -8.72
C PRO B 330 5.59 14.91 -9.84
N PHE B 331 5.86 13.66 -10.24
CA PHE B 331 5.01 13.04 -11.25
C PHE B 331 3.60 12.87 -10.73
N VAL B 332 3.44 12.46 -9.48
CA VAL B 332 2.11 12.30 -8.92
C VAL B 332 1.37 13.64 -8.96
N PHE B 333 2.05 14.71 -8.55
CA PHE B 333 1.42 16.03 -8.56
C PHE B 333 1.04 16.44 -9.99
N ALA B 334 1.94 16.22 -10.95
CA ALA B 334 1.65 16.61 -12.33
C ALA B 334 0.48 15.81 -12.90
N LYS B 335 0.44 14.51 -12.62
CA LYS B 335 -0.66 13.69 -13.12
C LYS B 335 -1.98 14.12 -12.50
N GLU B 336 -1.97 14.44 -11.20
CA GLU B 336 -3.19 14.93 -10.56
C GLU B 336 -3.62 16.26 -11.18
N TYR B 337 -2.68 17.15 -11.45
CA TYR B 337 -2.97 18.46 -12.00
C TYR B 337 -2.92 18.48 -13.53
N ASN B 338 -2.59 17.35 -14.16
CA ASN B 338 -2.54 17.25 -15.61
C ASN B 338 -1.72 18.40 -16.21
N LEU B 339 -0.53 18.60 -15.63
CA LEU B 339 0.39 19.65 -16.07
C LEU B 339 1.64 18.97 -16.60
N HIS B 340 1.61 18.58 -17.87
CA HIS B 340 2.76 18.02 -18.57
C HIS B 340 3.43 16.87 -17.79
N PRO B 341 2.68 15.85 -17.39
CA PRO B 341 3.33 14.66 -16.82
C PRO B 341 4.07 13.84 -17.85
N GLU B 342 3.80 14.05 -19.15
CA GLU B 342 4.54 13.38 -20.20
C GLU B 342 6.03 13.67 -20.10
N ILE B 343 6.39 14.87 -19.62
CA ILE B 343 7.78 15.25 -19.47
C ILE B 343 8.40 14.64 -18.22
N ILE B 344 7.59 14.24 -17.25
CA ILE B 344 8.12 13.66 -16.02
C ILE B 344 8.25 12.15 -16.12
N SER B 345 7.36 11.48 -16.86
CA SER B 345 7.43 10.03 -16.97
C SER B 345 8.72 9.58 -17.66
N THR B 346 9.06 10.21 -18.78
CA THR B 346 10.25 9.84 -19.53
C THR B 346 11.53 10.23 -18.83
N GLY B 347 11.44 11.00 -17.74
CA GLY B 347 12.60 11.25 -16.92
C GLY B 347 12.70 10.21 -15.82
N VAL B 348 11.61 10.02 -15.08
CA VAL B 348 11.60 9.00 -14.02
C VAL B 348 12.04 7.67 -14.59
N ILE B 349 11.72 7.39 -15.85
CA ILE B 349 12.38 6.34 -16.62
C ILE B 349 13.50 6.99 -17.40
N PHE B 350 14.58 6.24 -17.62
CA PHE B 350 15.79 6.72 -18.29
C PHE B 350 16.59 7.70 -17.45
N GLY B 351 16.15 8.02 -16.24
CA GLY B 351 17.01 8.75 -15.33
C GLY B 351 17.48 7.88 -14.19
N MET B 352 16.68 6.88 -13.84
CA MET B 352 17.12 5.91 -12.83
C MET B 352 18.14 4.94 -13.39
N LEU B 353 18.40 4.97 -14.69
CA LEU B 353 19.53 4.25 -15.29
C LEU B 353 20.80 5.09 -15.31
N ILE B 354 20.67 6.42 -15.41
CA ILE B 354 21.82 7.31 -15.49
C ILE B 354 22.19 7.91 -14.13
N ALA B 355 21.39 7.69 -13.10
CA ALA B 355 21.74 8.20 -11.77
C ALA B 355 23.06 7.62 -11.29
N LEU B 356 23.26 6.31 -11.49
CA LEU B 356 24.49 5.68 -11.01
C LEU B 356 25.69 6.12 -11.83
N PRO B 357 25.71 5.97 -13.16
CA PRO B 357 26.84 6.51 -13.92
C PRO B 357 27.05 8.00 -13.73
N THR B 358 25.98 8.77 -13.57
CA THR B 358 26.15 10.22 -13.36
C THR B 358 26.85 10.49 -12.03
N THR B 359 26.47 9.78 -10.97
CA THR B 359 27.15 9.95 -9.69
C THR B 359 28.62 9.54 -9.80
N LEU B 360 28.90 8.43 -10.50
CA LEU B 360 30.30 8.05 -10.70
C LEU B 360 31.05 9.13 -11.46
N ALA B 361 30.44 9.69 -12.50
CA ALA B 361 31.12 10.71 -13.30
C ALA B 361 31.42 11.95 -12.47
N TYR B 362 30.45 12.40 -11.67
CA TYR B 362 30.69 13.58 -10.85
C TYR B 362 31.72 13.30 -9.77
N TYR B 363 31.70 12.09 -9.20
CA TYR B 363 32.69 11.73 -8.20
C TYR B 363 34.10 11.73 -8.80
N PHE B 364 34.24 11.19 -10.01
CA PHE B 364 35.54 11.23 -10.68
C PHE B 364 35.95 12.66 -11.00
N LEU B 365 35.00 13.48 -11.44
CA LEU B 365 35.33 14.87 -11.77
C LEU B 365 35.80 15.63 -10.55
N LEU B 366 35.17 15.41 -9.40
CA LEU B 366 35.53 16.14 -8.19
C LEU B 366 36.84 15.67 -7.59
N ASP B 367 37.30 14.47 -7.94
CA ASP B 367 38.53 13.95 -7.36
C ASP B 367 39.71 14.88 -7.65
N LEU B 368 39.79 15.38 -8.88
CA LEU B 368 40.88 16.29 -9.26
C LEU B 368 40.34 17.43 -10.11
#